data_9OL0
# 
_entry.id   9OL0 
# 
_audit_conform.dict_name       mmcif_pdbx.dic 
_audit_conform.dict_version    5.407 
_audit_conform.dict_location   http://mmcif.pdb.org/dictionaries/ascii/mmcif_pdbx.dic 
# 
loop_
_database_2.database_id 
_database_2.database_code 
_database_2.pdbx_database_accession 
_database_2.pdbx_DOI 
PDB   9OL0         pdb_00009ol0 10.2210/pdb9ol0/pdb 
WWPDB D_1000295003 ?            ?                   
# 
loop_
_pdbx_audit_revision_history.ordinal 
_pdbx_audit_revision_history.data_content_type 
_pdbx_audit_revision_history.major_revision 
_pdbx_audit_revision_history.minor_revision 
_pdbx_audit_revision_history.revision_date 
_pdbx_audit_revision_history.part_number 
1 'Structure model' 1 0 2025-10-22 ? 
2 'Structure model' 1 1 2025-11-26 ? 
# 
_pdbx_audit_revision_details.ordinal             1 
_pdbx_audit_revision_details.revision_ordinal    1 
_pdbx_audit_revision_details.data_content_type   'Structure model' 
_pdbx_audit_revision_details.provider            repository 
_pdbx_audit_revision_details.type                'Initial release' 
_pdbx_audit_revision_details.description         ? 
_pdbx_audit_revision_details.details             ? 
# 
_pdbx_audit_revision_group.ordinal             1 
_pdbx_audit_revision_group.revision_ordinal    2 
_pdbx_audit_revision_group.data_content_type   'Structure model' 
_pdbx_audit_revision_group.group               'Database references' 
# 
loop_
_pdbx_audit_revision_category.ordinal 
_pdbx_audit_revision_category.revision_ordinal 
_pdbx_audit_revision_category.data_content_type 
_pdbx_audit_revision_category.category 
1 2 'Structure model' citation        
2 2 'Structure model' citation_author 
# 
_pdbx_database_status.status_code                     REL 
_pdbx_database_status.status_code_sf                  REL 
_pdbx_database_status.status_code_mr                  ? 
_pdbx_database_status.entry_id                        9OL0 
_pdbx_database_status.recvd_initial_deposition_date   2025-05-11 
_pdbx_database_status.SG_entry                        N 
_pdbx_database_status.deposit_site                    RCSB 
_pdbx_database_status.process_site                    RCSB 
_pdbx_database_status.status_code_cs                  ? 
_pdbx_database_status.status_code_nmr_data            ? 
_pdbx_database_status.methods_development_category    ? 
_pdbx_database_status.pdb_format_compatible           Y 
# 
_pdbx_contact_author.id                 2 
_pdbx_contact_author.email              jwszostak@uchicago.edu 
_pdbx_contact_author.name_first         Jack 
_pdbx_contact_author.name_last          Szostak 
_pdbx_contact_author.name_mi            W 
_pdbx_contact_author.role               'principal investigator/group leader' 
_pdbx_contact_author.identifier_ORCID   0000-0003-4131-1203 
# 
loop_
_audit_author.name 
_audit_author.pdbx_ordinal 
_audit_author.identifier_ORCID 
'Fang, Z.'      1 0000-0001-8679-6633 
'Szostak, J.W.' 2 0000-0003-4131-1203 
# 
loop_
_citation.abstract 
_citation.abstract_id_CAS 
_citation.book_id_ISBN 
_citation.book_publisher 
_citation.book_publisher_city 
_citation.book_title 
_citation.coordinate_linkage 
_citation.country 
_citation.database_id_Medline 
_citation.details 
_citation.id 
_citation.journal_abbrev 
_citation.journal_id_ASTM 
_citation.journal_id_CSD 
_citation.journal_id_ISSN 
_citation.journal_full 
_citation.journal_issue 
_citation.journal_volume 
_citation.language 
_citation.page_first 
_citation.page_last 
_citation.title 
_citation.year 
_citation.database_id_CSD 
_citation.pdbx_database_id_DOI 
_citation.pdbx_database_id_PubMed 
_citation.pdbx_database_id_patent 
_citation.unpublished_flag 
? ? ? ? ? ? ? UK ? ? primary 'Nucleic Acids Res.' NARHAD 0389 1362-4962 ? ? 53 ? ? ? 
;Impact of 2'-deoxyribo-purine substrates on nonenzymatic RNA template-directed primer extension.
;
2025 ? 10.1093/nar/gkaf1228      41261857 ? ? 
? ? ? ? ? ? ? US ? ? 1       Biorxiv              ?      ?    2692-8205 ? ? ?  ? ? ? 
;Impact of 2'-deoxyribo-purine substrates on nonenzymatic RNA template-directed primer extension.
;
2025 ? 10.1101/2025.08.29.673048 40909494 ? ? 
# 
loop_
_citation_author.citation_id 
_citation_author.name 
_citation_author.ordinal 
_citation_author.identifier_ORCID 
primary 'Fang, Z.'      1  0000-0001-8679-6633 
primary 'Acikgoz, O.'   2  ?                   
primary 'Jia, X.'       3  0000-0001-9094-9882 
primary 'Essex, J.'     4  ?                   
primary 'Wen, R.'       5  ?                   
primary 'Szostak, J.W.' 6  0000-0003-4131-1203 
1       'Fang, Z.'      7  0000-0001-8679-6633 
1       'Acikgoz, O.'   8  0009-0001-3296-1637 
1       'Jia, X.'       9  0000-0001-9094-9882 
1       'Essex, J.'     10 0009-0003-6281-4798 
1       'Wen, R.'       11 ?                   
1       'Szostak, J.W.' 12 0000-0003-4131-1203 
# 
loop_
_entity.id 
_entity.type 
_entity.src_method 
_entity.pdbx_description 
_entity.formula_weight 
_entity.pdbx_number_of_molecules 
_entity.pdbx_ec 
_entity.pdbx_mutation 
_entity.pdbx_fragment 
_entity.details 
1 polymer     syn 
;DNA/RNA (5'-R(*A)-D(P*I)-R(P*AP*GP*AP*AP*GP*AP*UP*CP*UP*UP*CP*UP*(RSP)P*U)-3')
;
5068.114 1  ? ? ? ? 
2 non-polymer syn 'MAGNESIUM ION'                                                                  24.305   3  ? ? ? ? 
3 water       nat water                                                                            18.015   77 ? ? ? ? 
# 
_entity_poly.entity_id                      1 
_entity_poly.type                           'polydeoxyribonucleotide/polyribonucleotide hybrid' 
_entity_poly.nstd_linkage                   no 
_entity_poly.nstd_monomer                   yes 
_entity_poly.pdbx_seq_one_letter_code       'A(DI)AGAAGAUCUUCU(RSP)U' 
_entity_poly.pdbx_seq_one_letter_code_can   AIAGAAGAUCUUCUCU 
_entity_poly.pdbx_strand_id                 A 
_entity_poly.pdbx_target_identifier         ? 
# 
loop_
_pdbx_entity_nonpoly.entity_id 
_pdbx_entity_nonpoly.name 
_pdbx_entity_nonpoly.comp_id 
2 'MAGNESIUM ION' MG  
3 water           HOH 
# 
loop_
_entity_poly_seq.entity_id 
_entity_poly_seq.num 
_entity_poly_seq.mon_id 
_entity_poly_seq.hetero 
1 1  A   n 
1 2  DI  n 
1 3  A   n 
1 4  G   n 
1 5  A   n 
1 6  A   n 
1 7  G   n 
1 8  A   n 
1 9  U   n 
1 10 C   n 
1 11 U   n 
1 12 U   n 
1 13 C   n 
1 14 U   n 
1 15 RSP n 
1 16 U   n 
# 
_pdbx_entity_src_syn.entity_id              1 
_pdbx_entity_src_syn.pdbx_src_id            1 
_pdbx_entity_src_syn.pdbx_alt_source_flag   sample 
_pdbx_entity_src_syn.pdbx_beg_seq_num       1 
_pdbx_entity_src_syn.pdbx_end_seq_num       16 
_pdbx_entity_src_syn.organism_scientific    'synthetic construct' 
_pdbx_entity_src_syn.organism_common_name   ? 
_pdbx_entity_src_syn.ncbi_taxonomy_id       32630 
_pdbx_entity_src_syn.details                ? 
# 
loop_
_chem_comp.id 
_chem_comp.type 
_chem_comp.mon_nstd_flag 
_chem_comp.name 
_chem_comp.pdbx_synonyms 
_chem_comp.formula 
_chem_comp.formula_weight 
A   'RNA linking' y "ADENOSINE-5'-MONOPHOSPHATE"                                            ? 'C10 H14 N5 O7 P'  347.221 
C   'RNA linking' y "CYTIDINE-5'-MONOPHOSPHATE"                                             ? 'C9 H14 N3 O8 P'   323.197 
DI  'DNA linking' y "2'-DEOXYINOSINE-5'-MONOPHOSPHATE"                                      ? 'C10 H13 N4 O7 P'  332.207 
G   'RNA linking' y "GUANOSINE-5'-MONOPHOSPHATE"                                            ? 'C10 H14 N5 O8 P'  363.221 
HOH non-polymer   . WATER                                                                   ? 'H2 O'             18.015  
MG  non-polymer   . 'MAGNESIUM ION'                                                         ? 'Mg 2'             24.305  
RSP 'RNA linking' n '4-amino-1-(5-O-phosphono-beta-D-ribofuranosyl)pyrimidine-2(1H)-thione' ? 'C9 H14 N3 O7 P S' 339.262 
U   'RNA linking' y "URIDINE-5'-MONOPHOSPHATE"                                              ? 'C9 H13 N2 O9 P'   324.181 
# 
loop_
_pdbx_poly_seq_scheme.asym_id 
_pdbx_poly_seq_scheme.entity_id 
_pdbx_poly_seq_scheme.seq_id 
_pdbx_poly_seq_scheme.mon_id 
_pdbx_poly_seq_scheme.ndb_seq_num 
_pdbx_poly_seq_scheme.pdb_seq_num 
_pdbx_poly_seq_scheme.auth_seq_num 
_pdbx_poly_seq_scheme.pdb_mon_id 
_pdbx_poly_seq_scheme.auth_mon_id 
_pdbx_poly_seq_scheme.pdb_strand_id 
_pdbx_poly_seq_scheme.pdb_ins_code 
_pdbx_poly_seq_scheme.hetero 
A 1 1  A   1  1  1  A   A   A . n 
A 1 2  DI  2  2  2  DI  DI  A . n 
A 1 3  A   3  3  3  A   A   A . n 
A 1 4  G   4  4  4  G   G   A . n 
A 1 5  A   5  5  5  A   A   A . n 
A 1 6  A   6  6  6  A   A   A . n 
A 1 7  G   7  7  7  G   G   A . n 
A 1 8  A   8  8  8  A   A   A . n 
A 1 9  U   9  9  9  U   U   A . n 
A 1 10 C   10 10 10 C   C   A . n 
A 1 11 U   11 11 11 U   U   A . n 
A 1 12 U   12 12 12 U   U   A . n 
A 1 13 C   13 13 13 C   C   A . n 
A 1 14 U   14 14 14 U   U   A . n 
A 1 15 RSP 15 15 15 RSP RSP A . n 
A 1 16 U   16 16 16 U   U   A . n 
# 
_pdbx_entity_instance_feature.ordinal        1 
_pdbx_entity_instance_feature.comp_id        RSP 
_pdbx_entity_instance_feature.asym_id        ? 
_pdbx_entity_instance_feature.seq_num        ? 
_pdbx_entity_instance_feature.auth_comp_id   RSP 
_pdbx_entity_instance_feature.auth_asym_id   ? 
_pdbx_entity_instance_feature.auth_seq_num   ? 
_pdbx_entity_instance_feature.feature_type   'SUBJECT OF INVESTIGATION' 
_pdbx_entity_instance_feature.details        ? 
# 
loop_
_pdbx_nonpoly_scheme.asym_id 
_pdbx_nonpoly_scheme.entity_id 
_pdbx_nonpoly_scheme.mon_id 
_pdbx_nonpoly_scheme.ndb_seq_num 
_pdbx_nonpoly_scheme.pdb_seq_num 
_pdbx_nonpoly_scheme.auth_seq_num 
_pdbx_nonpoly_scheme.pdb_mon_id 
_pdbx_nonpoly_scheme.auth_mon_id 
_pdbx_nonpoly_scheme.pdb_strand_id 
_pdbx_nonpoly_scheme.pdb_ins_code 
B 2 MG  1  101 1  MG  MG  A . 
C 2 MG  1  102 2  MG  MG  A . 
D 2 MG  1  103 3  MG  MG  A . 
E 3 HOH 1  201 77 HOH HOH A . 
E 3 HOH 2  202 38 HOH HOH A . 
E 3 HOH 3  203 12 HOH HOH A . 
E 3 HOH 4  204 68 HOH HOH A . 
E 3 HOH 5  205 18 HOH HOH A . 
E 3 HOH 6  206 47 HOH HOH A . 
E 3 HOH 7  207 67 HOH HOH A . 
E 3 HOH 8  208 74 HOH HOH A . 
E 3 HOH 9  209 19 HOH HOH A . 
E 3 HOH 10 210 24 HOH HOH A . 
E 3 HOH 11 211 64 HOH HOH A . 
E 3 HOH 12 212 35 HOH HOH A . 
E 3 HOH 13 213 6  HOH HOH A . 
E 3 HOH 14 214 70 HOH HOH A . 
E 3 HOH 15 215 49 HOH HOH A . 
E 3 HOH 16 216 53 HOH HOH A . 
E 3 HOH 17 217 28 HOH HOH A . 
E 3 HOH 18 218 71 HOH HOH A . 
E 3 HOH 19 219 45 HOH HOH A . 
E 3 HOH 20 220 2  HOH HOH A . 
E 3 HOH 21 221 23 HOH HOH A . 
E 3 HOH 22 222 39 HOH HOH A . 
E 3 HOH 23 223 10 HOH HOH A . 
E 3 HOH 24 224 8  HOH HOH A . 
E 3 HOH 25 225 66 HOH HOH A . 
E 3 HOH 26 226 51 HOH HOH A . 
E 3 HOH 27 227 9  HOH HOH A . 
E 3 HOH 28 228 14 HOH HOH A . 
E 3 HOH 29 229 59 HOH HOH A . 
E 3 HOH 30 230 29 HOH HOH A . 
E 3 HOH 31 231 33 HOH HOH A . 
E 3 HOH 32 232 54 HOH HOH A . 
E 3 HOH 33 233 30 HOH HOH A . 
E 3 HOH 34 234 16 HOH HOH A . 
E 3 HOH 35 235 5  HOH HOH A . 
E 3 HOH 36 236 41 HOH HOH A . 
E 3 HOH 37 237 46 HOH HOH A . 
E 3 HOH 38 238 22 HOH HOH A . 
E 3 HOH 39 239 31 HOH HOH A . 
E 3 HOH 40 240 40 HOH HOH A . 
E 3 HOH 41 241 62 HOH HOH A . 
E 3 HOH 42 242 26 HOH HOH A . 
E 3 HOH 43 243 37 HOH HOH A . 
E 3 HOH 44 244 25 HOH HOH A . 
E 3 HOH 45 245 69 HOH HOH A . 
E 3 HOH 46 246 50 HOH HOH A . 
E 3 HOH 47 247 63 HOH HOH A . 
E 3 HOH 48 248 32 HOH HOH A . 
E 3 HOH 49 249 1  HOH HOH A . 
E 3 HOH 50 250 4  HOH HOH A . 
E 3 HOH 51 251 17 HOH HOH A . 
E 3 HOH 52 252 3  HOH HOH A . 
E 3 HOH 53 253 36 HOH HOH A . 
E 3 HOH 54 254 13 HOH HOH A . 
E 3 HOH 55 255 27 HOH HOH A . 
E 3 HOH 56 256 21 HOH HOH A . 
E 3 HOH 57 257 52 HOH HOH A . 
E 3 HOH 58 258 42 HOH HOH A . 
E 3 HOH 59 259 7  HOH HOH A . 
E 3 HOH 60 260 65 HOH HOH A . 
E 3 HOH 61 261 48 HOH HOH A . 
E 3 HOH 62 262 60 HOH HOH A . 
E 3 HOH 63 263 34 HOH HOH A . 
E 3 HOH 64 264 11 HOH HOH A . 
E 3 HOH 65 265 15 HOH HOH A . 
E 3 HOH 66 266 73 HOH HOH A . 
E 3 HOH 67 267 76 HOH HOH A . 
E 3 HOH 68 268 75 HOH HOH A . 
E 3 HOH 69 269 57 HOH HOH A . 
E 3 HOH 70 270 44 HOH HOH A . 
E 3 HOH 71 271 61 HOH HOH A . 
E 3 HOH 72 272 43 HOH HOH A . 
E 3 HOH 73 273 20 HOH HOH A . 
E 3 HOH 74 274 72 HOH HOH A . 
E 3 HOH 75 275 55 HOH HOH A . 
E 3 HOH 76 276 56 HOH HOH A . 
E 3 HOH 77 277 58 HOH HOH A . 
# 
loop_
_software.citation_id 
_software.classification 
_software.compiler_name 
_software.compiler_version 
_software.contact_author 
_software.contact_author_email 
_software.date 
_software.description 
_software.dependencies 
_software.hardware 
_software.language 
_software.location 
_software.mods 
_software.name 
_software.os 
_software.os_version 
_software.type 
_software.version 
_software.pdbx_reference_DOI 
_software.pdbx_ordinal 
? refinement       ? ? ? ? ? ? ? ? ? ? ? REFMAC  ? ? ? .           ? 1 
? refinement       ? ? ? ? ? ? ? ? ? ? ? PHENIX  ? ? ? 1.18.2_3874 ? 2 
? 'data reduction' ? ? ? ? ? ? ? ? ? ? ? XDS     ? ? ? .           ? 3 
? 'data scaling'   ? ? ? ? ? ? ? ? ? ? ? Aimless ? ? ? .           ? 4 
? phasing          ? ? ? ? ? ? ? ? ? ? ? PHASER  ? ? ? .           ? 5 
# 
_cell.angle_alpha                  90.000 
_cell.angle_alpha_esd              ? 
_cell.angle_beta                   90.000 
_cell.angle_beta_esd               ? 
_cell.angle_gamma                  120.000 
_cell.angle_gamma_esd              ? 
_cell.entry_id                     9OL0 
_cell.details                      ? 
_cell.formula_units_Z              ? 
_cell.length_a                     41.293 
_cell.length_a_esd                 ? 
_cell.length_b                     41.293 
_cell.length_b_esd                 ? 
_cell.length_c                     124.404 
_cell.length_c_esd                 ? 
_cell.volume                       183703.677 
_cell.volume_esd                   ? 
_cell.Z_PDB                        18 
_cell.reciprocal_angle_alpha       ? 
_cell.reciprocal_angle_beta        ? 
_cell.reciprocal_angle_gamma       ? 
_cell.reciprocal_angle_alpha_esd   ? 
_cell.reciprocal_angle_beta_esd    ? 
_cell.reciprocal_angle_gamma_esd   ? 
_cell.reciprocal_length_a          ? 
_cell.reciprocal_length_b          ? 
_cell.reciprocal_length_c          ? 
_cell.reciprocal_length_a_esd      ? 
_cell.reciprocal_length_b_esd      ? 
_cell.reciprocal_length_c_esd      ? 
_cell.pdbx_unique_axis             ? 
_cell.pdbx_esd_method              ? 
# 
_symmetry.entry_id                         9OL0 
_symmetry.cell_setting                     ? 
_symmetry.Int_Tables_number                155 
_symmetry.space_group_name_Hall            
;R 3 2"
;
_symmetry.space_group_name_H-M             'H 3 2' 
_symmetry.pdbx_full_space_group_name_H-M   ? 
# 
_exptl.absorpt_coefficient_mu     ? 
_exptl.absorpt_correction_T_max   ? 
_exptl.absorpt_correction_T_min   ? 
_exptl.absorpt_correction_type    ? 
_exptl.absorpt_process_details    ? 
_exptl.entry_id                   9OL0 
_exptl.crystals_number            1 
_exptl.details                    ? 
_exptl.method                     'X-RAY DIFFRACTION' 
_exptl.method_details             ? 
# 
_exptl_crystal.colour                       ? 
_exptl_crystal.density_diffrn               ? 
_exptl_crystal.density_Matthews             2.01 
_exptl_crystal.density_method               ? 
_exptl_crystal.density_percent_sol          38.73 
_exptl_crystal.description                  ? 
_exptl_crystal.F_000                        ? 
_exptl_crystal.id                           1 
_exptl_crystal.preparation                  ? 
_exptl_crystal.size_max                     ? 
_exptl_crystal.size_mid                     ? 
_exptl_crystal.size_min                     ? 
_exptl_crystal.size_rad                     ? 
_exptl_crystal.colour_lustre                ? 
_exptl_crystal.colour_modifier              ? 
_exptl_crystal.colour_primary               ? 
_exptl_crystal.density_meas                 ? 
_exptl_crystal.density_meas_esd             ? 
_exptl_crystal.density_meas_gt              ? 
_exptl_crystal.density_meas_lt              ? 
_exptl_crystal.density_meas_temp            ? 
_exptl_crystal.density_meas_temp_esd        ? 
_exptl_crystal.density_meas_temp_gt         ? 
_exptl_crystal.density_meas_temp_lt         ? 
_exptl_crystal.pdbx_crystal_image_url       ? 
_exptl_crystal.pdbx_crystal_image_format    ? 
_exptl_crystal.pdbx_mosaicity               ? 
_exptl_crystal.pdbx_mosaicity_esd           ? 
_exptl_crystal.pdbx_mosaic_method           ? 
_exptl_crystal.pdbx_mosaic_block_size       ? 
_exptl_crystal.pdbx_mosaic_block_size_esd   ? 
# 
_exptl_crystal_grow.apparatus       ? 
_exptl_crystal_grow.atmosphere      ? 
_exptl_crystal_grow.crystal_id      1 
_exptl_crystal_grow.details         ? 
_exptl_crystal_grow.method          'VAPOR DIFFUSION, SITTING DROP' 
_exptl_crystal_grow.method_ref      ? 
_exptl_crystal_grow.pH              7.5 
_exptl_crystal_grow.pressure        ? 
_exptl_crystal_grow.pressure_esd    ? 
_exptl_crystal_grow.seeding         ? 
_exptl_crystal_grow.seeding_ref     ? 
_exptl_crystal_grow.temp_details    ? 
_exptl_crystal_grow.temp_esd        ? 
_exptl_crystal_grow.time            ? 
_exptl_crystal_grow.pdbx_details    
'0.2 M Magnesium chloride hexahydrate, 0.1 M HEPES sodium pH 7.5, 30% v/v Polyethylene glycol 400' 
_exptl_crystal_grow.pdbx_pH_range   ? 
_exptl_crystal_grow.temp            293 
# 
_diffrn.ambient_environment              ? 
_diffrn.ambient_temp                     99 
_diffrn.ambient_temp_details             ? 
_diffrn.ambient_temp_esd                 ? 
_diffrn.crystal_id                       1 
_diffrn.crystal_support                  ? 
_diffrn.crystal_treatment                ? 
_diffrn.details                          ? 
_diffrn.id                               1 
_diffrn.ambient_pressure                 ? 
_diffrn.ambient_pressure_esd             ? 
_diffrn.ambient_pressure_gt              ? 
_diffrn.ambient_pressure_lt              ? 
_diffrn.ambient_temp_gt                  ? 
_diffrn.ambient_temp_lt                  ? 
_diffrn.pdbx_serial_crystal_experiment   N 
# 
_diffrn_detector.details                      ? 
_diffrn_detector.detector                     PIXEL 
_diffrn_detector.diffrn_id                    1 
_diffrn_detector.type                         'DECTRIS EIGER X 16M' 
_diffrn_detector.area_resol_mean              ? 
_diffrn_detector.dtime                        ? 
_diffrn_detector.pdbx_frames_total            ? 
_diffrn_detector.pdbx_collection_time_total   ? 
_diffrn_detector.pdbx_collection_date         2025-03-04 
_diffrn_detector.pdbx_frequency               ? 
_diffrn_detector.id                           ? 
_diffrn_detector.number_of_axes               ? 
# 
_diffrn_radiation.collimation                      ? 
_diffrn_radiation.diffrn_id                        1 
_diffrn_radiation.filter_edge                      ? 
_diffrn_radiation.inhomogeneity                    ? 
_diffrn_radiation.monochromator                    ? 
_diffrn_radiation.polarisn_norm                    ? 
_diffrn_radiation.polarisn_ratio                   ? 
_diffrn_radiation.probe                            ? 
_diffrn_radiation.type                             ? 
_diffrn_radiation.xray_symbol                      ? 
_diffrn_radiation.wavelength_id                    1 
_diffrn_radiation.pdbx_monochromatic_or_laue_m_l   M 
_diffrn_radiation.pdbx_wavelength_list             ? 
_diffrn_radiation.pdbx_wavelength                  ? 
_diffrn_radiation.pdbx_diffrn_protocol             'SINGLE WAVELENGTH' 
_diffrn_radiation.pdbx_analyzer                    ? 
_diffrn_radiation.pdbx_scattering_type             x-ray 
# 
_diffrn_radiation_wavelength.id           1 
_diffrn_radiation_wavelength.wavelength   0.97933 
_diffrn_radiation_wavelength.wt           1.0 
# 
_diffrn_source.current                     ? 
_diffrn_source.details                     ? 
_diffrn_source.diffrn_id                   1 
_diffrn_source.power                       ? 
_diffrn_source.size                        ? 
_diffrn_source.source                      SYNCHROTRON 
_diffrn_source.target                      ? 
_diffrn_source.type                        'NSLS-II BEAMLINE 17-ID-2' 
_diffrn_source.voltage                     ? 
_diffrn_source.take-off_angle              ? 
_diffrn_source.pdbx_wavelength_list        0.97933 
_diffrn_source.pdbx_wavelength             ? 
_diffrn_source.pdbx_synchrotron_beamline   17-ID-2 
_diffrn_source.pdbx_synchrotron_site       NSLS-II 
# 
_reflns.B_iso_Wilson_estimate                          ? 
_reflns.entry_id                                       9OL0 
_reflns.data_reduction_details                         ? 
_reflns.data_reduction_method                          ? 
_reflns.d_resolution_high                              1.15 
_reflns.d_resolution_low                               34.37 
_reflns.details                                        ? 
_reflns.limit_h_max                                    ? 
_reflns.limit_h_min                                    ? 
_reflns.limit_k_max                                    ? 
_reflns.limit_k_min                                    ? 
_reflns.limit_l_max                                    ? 
_reflns.limit_l_min                                    ? 
_reflns.number_all                                     ? 
_reflns.number_obs                                     14617 
_reflns.observed_criterion                             ? 
_reflns.observed_criterion_F_max                       ? 
_reflns.observed_criterion_F_min                       ? 
_reflns.observed_criterion_I_max                       ? 
_reflns.observed_criterion_I_min                       ? 
_reflns.observed_criterion_sigma_F                     ? 
_reflns.observed_criterion_sigma_I                     ? 
_reflns.percent_possible_obs                           98.1 
_reflns.R_free_details                                 ? 
_reflns.Rmerge_F_all                                   ? 
_reflns.Rmerge_F_obs                                   ? 
_reflns.Friedel_coverage                               ? 
_reflns.number_gt                                      ? 
_reflns.threshold_expression                           ? 
_reflns.pdbx_redundancy                                9.8 
_reflns.pdbx_netI_over_av_sigmaI                       ? 
_reflns.pdbx_netI_over_sigmaI                          14.9 
_reflns.pdbx_res_netI_over_av_sigmaI_2                 ? 
_reflns.pdbx_res_netI_over_sigmaI_2                    ? 
_reflns.pdbx_chi_squared                               ? 
_reflns.pdbx_scaling_rejects                           ? 
_reflns.pdbx_d_res_high_opt                            ? 
_reflns.pdbx_d_res_low_opt                             ? 
_reflns.pdbx_d_res_opt_method                          ? 
_reflns.phase_calculation_details                      ? 
_reflns.pdbx_Rrim_I_all                                0.068 
_reflns.pdbx_Rpim_I_all                                0.029 
_reflns.pdbx_d_opt                                     ? 
_reflns.pdbx_number_measured_all                       ? 
_reflns.pdbx_diffrn_id                                 1 
_reflns.pdbx_ordinal                                   1 
_reflns.pdbx_CC_half                                   0.999 
_reflns.pdbx_CC_star                                   ? 
_reflns.pdbx_R_split                                   ? 
_reflns.pdbx_Rmerge_I_obs                              0.061 
_reflns.pdbx_Rmerge_I_all                              ? 
_reflns.pdbx_Rsym_value                                ? 
_reflns.pdbx_CC_split_method                           ? 
_reflns.pdbx_aniso_diffraction_limit_axis_1_ortho[1]   ? 
_reflns.pdbx_aniso_diffraction_limit_axis_1_ortho[2]   ? 
_reflns.pdbx_aniso_diffraction_limit_axis_1_ortho[3]   ? 
_reflns.pdbx_aniso_diffraction_limit_axis_2_ortho[1]   ? 
_reflns.pdbx_aniso_diffraction_limit_axis_2_ortho[2]   ? 
_reflns.pdbx_aniso_diffraction_limit_axis_2_ortho[3]   ? 
_reflns.pdbx_aniso_diffraction_limit_axis_3_ortho[1]   ? 
_reflns.pdbx_aniso_diffraction_limit_axis_3_ortho[2]   ? 
_reflns.pdbx_aniso_diffraction_limit_axis_3_ortho[3]   ? 
_reflns.pdbx_aniso_diffraction_limit_1                 ? 
_reflns.pdbx_aniso_diffraction_limit_2                 ? 
_reflns.pdbx_aniso_diffraction_limit_3                 ? 
_reflns.pdbx_aniso_B_tensor_eigenvector_1_ortho[1]     ? 
_reflns.pdbx_aniso_B_tensor_eigenvector_1_ortho[2]     ? 
_reflns.pdbx_aniso_B_tensor_eigenvector_1_ortho[3]     ? 
_reflns.pdbx_aniso_B_tensor_eigenvector_2_ortho[1]     ? 
_reflns.pdbx_aniso_B_tensor_eigenvector_2_ortho[2]     ? 
_reflns.pdbx_aniso_B_tensor_eigenvector_2_ortho[3]     ? 
_reflns.pdbx_aniso_B_tensor_eigenvector_3_ortho[1]     ? 
_reflns.pdbx_aniso_B_tensor_eigenvector_3_ortho[2]     ? 
_reflns.pdbx_aniso_B_tensor_eigenvector_3_ortho[3]     ? 
_reflns.pdbx_aniso_B_tensor_eigenvalue_1               ? 
_reflns.pdbx_aniso_B_tensor_eigenvalue_2               ? 
_reflns.pdbx_aniso_B_tensor_eigenvalue_3               ? 
_reflns.pdbx_orthogonalization_convention              ? 
_reflns.pdbx_percent_possible_ellipsoidal              ? 
_reflns.pdbx_percent_possible_spherical                ? 
_reflns.pdbx_percent_possible_ellipsoidal_anomalous    ? 
_reflns.pdbx_percent_possible_spherical_anomalous      ? 
_reflns.pdbx_redundancy_anomalous                      ? 
_reflns.pdbx_CC_half_anomalous                         ? 
_reflns.pdbx_absDiff_over_sigma_anomalous              ? 
_reflns.pdbx_percent_possible_anomalous                ? 
_reflns.pdbx_observed_signal_threshold                 ? 
_reflns.pdbx_signal_type                               ? 
_reflns.pdbx_signal_details                            ? 
_reflns.pdbx_signal_software_id                        ? 
# 
_reflns_shell.d_res_high                                    1.15 
_reflns_shell.d_res_low                                     1.17 
_reflns_shell.meanI_over_sigI_all                           ? 
_reflns_shell.meanI_over_sigI_obs                           1.5 
_reflns_shell.number_measured_all                           ? 
_reflns_shell.number_measured_obs                           ? 
_reflns_shell.number_possible                               ? 
_reflns_shell.number_unique_all                             ? 
_reflns_shell.number_unique_obs                             819 
_reflns_shell.percent_possible_obs                          ? 
_reflns_shell.Rmerge_F_all                                  ? 
_reflns_shell.Rmerge_F_obs                                  ? 
_reflns_shell.meanI_over_sigI_gt                            ? 
_reflns_shell.meanI_over_uI_all                             ? 
_reflns_shell.meanI_over_uI_gt                              ? 
_reflns_shell.number_measured_gt                            ? 
_reflns_shell.number_unique_gt                              ? 
_reflns_shell.percent_possible_gt                           ? 
_reflns_shell.Rmerge_F_gt                                   ? 
_reflns_shell.Rmerge_I_gt                                   ? 
_reflns_shell.pdbx_redundancy                               8.2 
_reflns_shell.pdbx_chi_squared                              ? 
_reflns_shell.pdbx_netI_over_sigmaI_all                     ? 
_reflns_shell.pdbx_netI_over_sigmaI_obs                     ? 
_reflns_shell.pdbx_Rrim_I_all                               1.434 
_reflns_shell.pdbx_Rpim_I_all                               0.677 
_reflns_shell.pdbx_rejects                                  ? 
_reflns_shell.pdbx_ordinal                                  1 
_reflns_shell.pdbx_diffrn_id                                1 
_reflns_shell.pdbx_CC_half                                  0.431 
_reflns_shell.pdbx_CC_star                                  ? 
_reflns_shell.pdbx_R_split                                  ? 
_reflns_shell.percent_possible_all                          94.5 
_reflns_shell.Rmerge_I_all                                  ? 
_reflns_shell.Rmerge_I_obs                                  1.256 
_reflns_shell.pdbx_Rsym_value                               ? 
_reflns_shell.pdbx_percent_possible_ellipsoidal             ? 
_reflns_shell.pdbx_percent_possible_spherical               ? 
_reflns_shell.pdbx_percent_possible_ellipsoidal_anomalous   ? 
_reflns_shell.pdbx_percent_possible_spherical_anomalous     ? 
_reflns_shell.pdbx_redundancy_anomalous                     ? 
_reflns_shell.pdbx_CC_half_anomalous                        ? 
_reflns_shell.pdbx_absDiff_over_sigma_anomalous             ? 
_reflns_shell.pdbx_percent_possible_anomalous               ? 
# 
_refine.aniso_B[1][1]                            ? 
_refine.aniso_B[1][2]                            ? 
_refine.aniso_B[1][3]                            ? 
_refine.aniso_B[2][2]                            ? 
_refine.aniso_B[2][3]                            ? 
_refine.aniso_B[3][3]                            ? 
_refine.B_iso_max                                ? 
_refine.B_iso_mean                               20.02 
_refine.B_iso_min                                ? 
_refine.correlation_coeff_Fo_to_Fc               ? 
_refine.correlation_coeff_Fo_to_Fc_free          ? 
_refine.details                                  ? 
_refine.diff_density_max                         ? 
_refine.diff_density_max_esd                     ? 
_refine.diff_density_min                         ? 
_refine.diff_density_min_esd                     ? 
_refine.diff_density_rms                         ? 
_refine.diff_density_rms_esd                     ? 
_refine.entry_id                                 9OL0 
_refine.pdbx_refine_id                           'X-RAY DIFFRACTION' 
_refine.ls_abs_structure_details                 ? 
_refine.ls_abs_structure_Flack                   ? 
_refine.ls_abs_structure_Flack_esd               ? 
_refine.ls_abs_structure_Rogers                  ? 
_refine.ls_abs_structure_Rogers_esd              ? 
_refine.ls_d_res_high                            1.15 
_refine.ls_d_res_low                             34.37 
_refine.ls_extinction_coef                       ? 
_refine.ls_extinction_coef_esd                   ? 
_refine.ls_extinction_expression                 ? 
_refine.ls_extinction_method                     ? 
_refine.ls_goodness_of_fit_all                   ? 
_refine.ls_goodness_of_fit_all_esd               ? 
_refine.ls_goodness_of_fit_obs                   ? 
_refine.ls_goodness_of_fit_obs_esd               ? 
_refine.ls_hydrogen_treatment                    ? 
_refine.ls_matrix_type                           ? 
_refine.ls_number_constraints                    ? 
_refine.ls_number_parameters                     ? 
_refine.ls_number_reflns_all                     ? 
_refine.ls_number_reflns_obs                     14594 
_refine.ls_number_reflns_R_free                  1461 
_refine.ls_number_reflns_R_work                  13133 
_refine.ls_number_restraints                     ? 
_refine.ls_percent_reflns_obs                    97.94 
_refine.ls_percent_reflns_R_free                 10.01 
_refine.ls_R_factor_all                          ? 
_refine.ls_R_factor_obs                          0.2057 
_refine.ls_R_factor_R_free                       0.2331 
_refine.ls_R_factor_R_free_error                 ? 
_refine.ls_R_factor_R_free_error_details         ? 
_refine.ls_R_factor_R_work                       0.2026 
_refine.ls_R_Fsqd_factor_obs                     ? 
_refine.ls_R_I_factor_obs                        ? 
_refine.ls_redundancy_reflns_all                 ? 
_refine.ls_redundancy_reflns_obs                 ? 
_refine.ls_restrained_S_all                      ? 
_refine.ls_restrained_S_obs                      ? 
_refine.ls_shift_over_esd_max                    ? 
_refine.ls_shift_over_esd_mean                   ? 
_refine.ls_structure_factor_coef                 ? 
_refine.ls_weighting_details                     ? 
_refine.ls_weighting_scheme                      ? 
_refine.ls_wR_factor_all                         ? 
_refine.ls_wR_factor_obs                         ? 
_refine.ls_wR_factor_R_free                      ? 
_refine.ls_wR_factor_R_work                      ? 
_refine.occupancy_max                            ? 
_refine.occupancy_min                            ? 
_refine.solvent_model_details                    'FLAT BULK SOLVENT MODEL' 
_refine.solvent_model_param_bsol                 ? 
_refine.solvent_model_param_ksol                 ? 
_refine.correlation_coeff_I_to_Fcsqd_work        ? 
_refine.correlation_coeff_I_to_Fcsqd_free        ? 
_refine.pdbx_R_complete                          ? 
_refine.ls_R_factor_gt                           ? 
_refine.ls_goodness_of_fit_gt                    ? 
_refine.ls_goodness_of_fit_ref                   ? 
_refine.ls_shift_over_su_max                     ? 
_refine.ls_shift_over_su_max_lt                  ? 
_refine.ls_shift_over_su_mean                    ? 
_refine.ls_shift_over_su_mean_lt                 ? 
_refine.pdbx_ls_sigma_I                          ? 
_refine.pdbx_ls_sigma_F                          1.58 
_refine.pdbx_ls_sigma_Fsqd                       ? 
_refine.pdbx_data_cutoff_high_absF               ? 
_refine.pdbx_data_cutoff_high_rms_absF           ? 
_refine.pdbx_data_cutoff_low_absF                ? 
_refine.pdbx_isotropic_thermal_model             ? 
_refine.pdbx_ls_cross_valid_method               'FREE R-VALUE' 
_refine.pdbx_method_to_determine_struct          'MOLECULAR REPLACEMENT' 
_refine.pdbx_starting_model                      ? 
_refine.pdbx_stereochemistry_target_values       'GeoStd + Monomer Library + CDL v1.2' 
_refine.pdbx_R_Free_selection_details            ? 
_refine.pdbx_stereochem_target_val_spec_case     ? 
_refine.pdbx_overall_ESU_R                       ? 
_refine.pdbx_overall_ESU_R_Free                  ? 
_refine.pdbx_solvent_vdw_probe_radii             1.1100 
_refine.pdbx_solvent_ion_probe_radii             ? 
_refine.pdbx_solvent_shrinkage_radii             0.9000 
_refine.pdbx_real_space_R                        ? 
_refine.pdbx_density_correlation                 ? 
_refine.pdbx_pd_number_of_powder_patterns        ? 
_refine.pdbx_pd_number_of_points                 ? 
_refine.pdbx_pd_meas_number_of_points            ? 
_refine.pdbx_pd_proc_ls_prof_R_factor            ? 
_refine.pdbx_pd_proc_ls_prof_wR_factor           ? 
_refine.pdbx_pd_Marquardt_correlation_coeff      ? 
_refine.pdbx_pd_Fsqrd_R_factor                   ? 
_refine.pdbx_pd_ls_matrix_band_width             ? 
_refine.pdbx_overall_phase_error                 27.2785 
_refine.pdbx_overall_SU_R_free_Cruickshank_DPI   ? 
_refine.pdbx_overall_SU_R_free_Blow_DPI          ? 
_refine.pdbx_overall_SU_R_Blow_DPI               ? 
_refine.pdbx_TLS_residual_ADP_flag               ? 
_refine.pdbx_diffrn_id                           1 
_refine.overall_SU_B                             ? 
_refine.overall_SU_ML                            0.1658 
_refine.overall_SU_R_Cruickshank_DPI             ? 
_refine.overall_SU_R_free                        ? 
_refine.overall_FOM_free_R_set                   ? 
_refine.overall_FOM_work_R_set                   ? 
_refine.pdbx_average_fsc_overall                 ? 
_refine.pdbx_average_fsc_work                    ? 
_refine.pdbx_average_fsc_free                    ? 
# 
_refine_hist.pdbx_refine_id                   'X-RAY DIFFRACTION' 
_refine_hist.cycle_id                         LAST 
_refine_hist.details                          ? 
_refine_hist.d_res_high                       1.15 
_refine_hist.d_res_low                        34.37 
_refine_hist.number_atoms_solvent             77 
_refine_hist.number_atoms_total               414 
_refine_hist.number_reflns_all                ? 
_refine_hist.number_reflns_obs                ? 
_refine_hist.number_reflns_R_free             ? 
_refine_hist.number_reflns_R_work             ? 
_refine_hist.R_factor_all                     ? 
_refine_hist.R_factor_obs                     ? 
_refine_hist.R_factor_R_free                  ? 
_refine_hist.R_factor_R_work                  ? 
_refine_hist.pdbx_number_residues_total       ? 
_refine_hist.pdbx_B_iso_mean_ligand           ? 
_refine_hist.pdbx_B_iso_mean_solvent          ? 
_refine_hist.pdbx_number_atoms_protein        0 
_refine_hist.pdbx_number_atoms_nucleic_acid   334 
_refine_hist.pdbx_number_atoms_ligand         3 
_refine_hist.pdbx_number_atoms_lipid          ? 
_refine_hist.pdbx_number_atoms_carb           ? 
_refine_hist.pdbx_pseudo_atom_details         ? 
# 
loop_
_refine_ls_restr.pdbx_refine_id 
_refine_ls_restr.criterion 
_refine_ls_restr.dev_ideal 
_refine_ls_restr.dev_ideal_target 
_refine_ls_restr.number 
_refine_ls_restr.rejects 
_refine_ls_restr.type 
_refine_ls_restr.weight 
_refine_ls_restr.pdbx_Zscore 
_refine_ls_restr.pdbx_restraint_function 
'X-RAY DIFFRACTION' ? 0.0128 ? 373 ? f_bond_d           ? ? ? 
'X-RAY DIFFRACTION' ? 1.7726 ? 578 ? f_angle_d          ? ? ? 
'X-RAY DIFFRACTION' ? 0.0598 ? 76  ? f_chiral_restr     ? ? ? 
'X-RAY DIFFRACTION' ? 0.0193 ? 16  ? f_plane_restr      ? ? ? 
'X-RAY DIFFRACTION' ? 7.4270 ? 173 ? f_dihedral_angle_d ? ? ? 
# 
loop_
_refine_ls_shell.pdbx_refine_id 
_refine_ls_shell.d_res_high 
_refine_ls_shell.d_res_low 
_refine_ls_shell.number_reflns_all 
_refine_ls_shell.number_reflns_obs 
_refine_ls_shell.number_reflns_R_free 
_refine_ls_shell.number_reflns_R_work 
_refine_ls_shell.percent_reflns_obs 
_refine_ls_shell.percent_reflns_R_free 
_refine_ls_shell.R_factor_all 
_refine_ls_shell.R_factor_obs 
_refine_ls_shell.R_factor_R_free_error 
_refine_ls_shell.R_factor_R_work 
_refine_ls_shell.redundancy_reflns_all 
_refine_ls_shell.redundancy_reflns_obs 
_refine_ls_shell.wR_factor_all 
_refine_ls_shell.wR_factor_obs 
_refine_ls_shell.wR_factor_R_free 
_refine_ls_shell.wR_factor_R_work 
_refine_ls_shell.pdbx_R_complete 
_refine_ls_shell.correlation_coeff_Fo_to_Fc 
_refine_ls_shell.correlation_coeff_Fo_to_Fc_free 
_refine_ls_shell.correlation_coeff_I_to_Fcsqd_work 
_refine_ls_shell.correlation_coeff_I_to_Fcsqd_free 
_refine_ls_shell.pdbx_total_number_of_bins_used 
_refine_ls_shell.pdbx_phase_error 
_refine_ls_shell.pdbx_fsc_work 
_refine_ls_shell.pdbx_fsc_free 
_refine_ls_shell.R_factor_R_free 
'X-RAY DIFFRACTION' 1.15 1.19  . . 139 1260 94.98 . . . . 0.3221 . . . . . . . . . . . . . . . 0.3594 
'X-RAY DIFFRACTION' 1.19 1.24  . . 141 1260 96.62 . . . . 0.2799 . . . . . . . . . . . . . . . 0.2915 
'X-RAY DIFFRACTION' 1.24 1.30  . . 143 1284 97.27 . . . . 0.2698 . . . . . . . . . . . . . . . 0.2962 
'X-RAY DIFFRACTION' 1.30 1.37  . . 144 1294 97.69 . . . . 0.2697 . . . . . . . . . . . . . . . 0.3076 
'X-RAY DIFFRACTION' 1.37 1.45  . . 144 1302 98.03 . . . . 0.2530 . . . . . . . . . . . . . . . 0.2999 
'X-RAY DIFFRACTION' 1.45 1.56  . . 146 1305 98.44 . . . . 0.2340 . . . . . . . . . . . . . . . 0.2350 
'X-RAY DIFFRACTION' 1.56 1.72  . . 147 1322 98.52 . . . . 0.2170 . . . . . . . . . . . . . . . 0.2511 
'X-RAY DIFFRACTION' 1.72 1.97  . . 148 1331 99.13 . . . . 0.2027 . . . . . . . . . . . . . . . 0.2325 
'X-RAY DIFFRACTION' 1.97 2.48  . . 149 1344 99.53 . . . . 0.2203 . . . . . . . . . . . . . . . 0.2471 
'X-RAY DIFFRACTION' 2.48 34.37 . . 160 1431 99.19 . . . . 0.1680 . . . . . . . . . . . . . . . 0.2025 
# 
_struct.entry_id                     9OL0 
_struct.title                        '16mer self-complementary duplex RNA with dI:s(2)C pair sequence 1' 
_struct.pdbx_model_details           ? 
_struct.pdbx_formula_weight          ? 
_struct.pdbx_formula_weight_method   ? 
_struct.pdbx_model_type_details      ? 
_struct.pdbx_CASP_flag               N 
# 
_struct_keywords.entry_id        9OL0 
_struct_keywords.text            'Deoxyribo-purine, deoxyinosine, 2-thiocytidine, RNA duplex, Origin of Life, RNA' 
_struct_keywords.pdbx_keywords   RNA 
# 
loop_
_struct_asym.id 
_struct_asym.pdbx_blank_PDB_chainid_flag 
_struct_asym.pdbx_modified 
_struct_asym.entity_id 
_struct_asym.details 
A N N 1 ? 
B N N 2 ? 
C N N 2 ? 
D N N 2 ? 
E N N 3 ? 
# 
_struct_ref.id                         1 
_struct_ref.db_name                    PDB 
_struct_ref.db_code                    9OL0 
_struct_ref.pdbx_db_accession          9OL0 
_struct_ref.pdbx_db_isoform            ? 
_struct_ref.entity_id                  1 
_struct_ref.pdbx_seq_one_letter_code   ? 
_struct_ref.pdbx_align_begin           1 
# 
_struct_ref_seq.align_id                      1 
_struct_ref_seq.ref_id                        1 
_struct_ref_seq.pdbx_PDB_id_code              9OL0 
_struct_ref_seq.pdbx_strand_id                A 
_struct_ref_seq.seq_align_beg                 1 
_struct_ref_seq.pdbx_seq_align_beg_ins_code   ? 
_struct_ref_seq.seq_align_end                 16 
_struct_ref_seq.pdbx_seq_align_end_ins_code   ? 
_struct_ref_seq.pdbx_db_accession             9OL0 
_struct_ref_seq.db_align_beg                  1 
_struct_ref_seq.pdbx_db_align_beg_ins_code    ? 
_struct_ref_seq.db_align_end                  16 
_struct_ref_seq.pdbx_db_align_end_ins_code    ? 
_struct_ref_seq.pdbx_auth_seq_align_beg       1 
_struct_ref_seq.pdbx_auth_seq_align_end       16 
# 
_pdbx_struct_assembly.id                   1 
_pdbx_struct_assembly.details              author_and_software_defined_assembly 
_pdbx_struct_assembly.method_details       PISA 
_pdbx_struct_assembly.oligomeric_details   dimeric 
_pdbx_struct_assembly.oligomeric_count     2 
# 
loop_
_pdbx_struct_assembly_prop.biol_id 
_pdbx_struct_assembly_prop.type 
_pdbx_struct_assembly_prop.value 
_pdbx_struct_assembly_prop.details 
1 'ABSA (A^2)' 1810 ? 
1 MORE         -29  ? 
1 'SSA (A^2)'  6070 ? 
# 
_pdbx_struct_assembly_gen.assembly_id       1 
_pdbx_struct_assembly_gen.oper_expression   1,2 
_pdbx_struct_assembly_gen.asym_id_list      A,B,C,D,E 
# 
_pdbx_struct_assembly_auth_evidence.id                     1 
_pdbx_struct_assembly_auth_evidence.assembly_id            1 
_pdbx_struct_assembly_auth_evidence.experimental_support   none 
_pdbx_struct_assembly_auth_evidence.details                ? 
# 
loop_
_pdbx_struct_oper_list.id 
_pdbx_struct_oper_list.type 
_pdbx_struct_oper_list.name 
_pdbx_struct_oper_list.symmetry_operation 
_pdbx_struct_oper_list.matrix[1][1] 
_pdbx_struct_oper_list.matrix[1][2] 
_pdbx_struct_oper_list.matrix[1][3] 
_pdbx_struct_oper_list.vector[1] 
_pdbx_struct_oper_list.matrix[2][1] 
_pdbx_struct_oper_list.matrix[2][2] 
_pdbx_struct_oper_list.matrix[2][3] 
_pdbx_struct_oper_list.vector[2] 
_pdbx_struct_oper_list.matrix[3][1] 
_pdbx_struct_oper_list.matrix[3][2] 
_pdbx_struct_oper_list.matrix[3][3] 
_pdbx_struct_oper_list.vector[3] 
1 'identity operation'         1_555 x,y,z      1.0000000000  0.0000000000  0.0000000000  0.0000000000 0.0000000000  1.0000000000  0.0000000000 0.0000000000 0.0000000000  0.0000000000 1.0000000000 0.0000000000  
2 'crystal symmetry operation' 6_555 -x,-x+y,-z -0.5733591035 -0.3582625276 -0.7368224344 0.7113352246 -0.3582625276 -0.6991567388 0.6187308106 4.0686406921 -0.7368224344 0.6187308106 0.2725158422 -1.5663974747 
# 
loop_
_struct_conn.id 
_struct_conn.conn_type_id 
_struct_conn.pdbx_leaving_atom_flag 
_struct_conn.pdbx_PDB_id 
_struct_conn.ptnr1_label_asym_id 
_struct_conn.ptnr1_label_comp_id 
_struct_conn.ptnr1_label_seq_id 
_struct_conn.ptnr1_label_atom_id 
_struct_conn.pdbx_ptnr1_label_alt_id 
_struct_conn.pdbx_ptnr1_PDB_ins_code 
_struct_conn.pdbx_ptnr1_standard_comp_id 
_struct_conn.ptnr1_symmetry 
_struct_conn.ptnr2_label_asym_id 
_struct_conn.ptnr2_label_comp_id 
_struct_conn.ptnr2_label_seq_id 
_struct_conn.ptnr2_label_atom_id 
_struct_conn.pdbx_ptnr2_label_alt_id 
_struct_conn.pdbx_ptnr2_PDB_ins_code 
_struct_conn.ptnr1_auth_asym_id 
_struct_conn.ptnr1_auth_comp_id 
_struct_conn.ptnr1_auth_seq_id 
_struct_conn.ptnr2_auth_asym_id 
_struct_conn.ptnr2_auth_comp_id 
_struct_conn.ptnr2_auth_seq_id 
_struct_conn.ptnr2_symmetry 
_struct_conn.pdbx_ptnr3_label_atom_id 
_struct_conn.pdbx_ptnr3_label_seq_id 
_struct_conn.pdbx_ptnr3_label_comp_id 
_struct_conn.pdbx_ptnr3_label_asym_id 
_struct_conn.pdbx_ptnr3_label_alt_id 
_struct_conn.pdbx_ptnr3_PDB_ins_code 
_struct_conn.details 
_struct_conn.pdbx_dist_value 
_struct_conn.pdbx_value_order 
_struct_conn.pdbx_role 
covale1  covale both ? A U   14 "O3'" ? ? ? 1_555 A RSP 15 P  ? ? A U   14  A RSP 15  1_555  ? ? ? ? ? ? ?            1.598 ? ? 
covale2  covale both ? A RSP 15 "O3'" ? ? ? 1_555 A U   16 P  ? ? A RSP 15  A U   16  1_555  ? ? ? ? ? ? ?            1.597 ? ? 
metalc1  metalc ?    ? A U   12 OP1   ? ? ? 1_555 D MG  .  MG ? ? A U   12  A MG  103 1_555  ? ? ? ? ? ? ?            2.539 ? ? 
metalc2  metalc ?    ? B MG  .  MG    ? ? ? 1_555 E HOH .  O  ? ? A MG  101 A HOH 205 1_555  ? ? ? ? ? ? ?            2.172 ? ? 
metalc3  metalc ?    ? B MG  .  MG    ? ? ? 1_555 E HOH .  O  ? ? A MG  101 A HOH 209 1_555  ? ? ? ? ? ? ?            2.141 ? ? 
metalc4  metalc ?    ? B MG  .  MG    ? ? ? 1_555 E HOH .  O  ? ? A MG  101 A HOH 251 1_555  ? ? ? ? ? ? ?            2.046 ? ? 
metalc5  metalc ?    ? B MG  .  MG    ? ? ? 1_555 E HOH .  O  ? ? A MG  101 A HOH 273 1_555  ? ? ? ? ? ? ?            2.022 ? ? 
metalc6  metalc ?    ? B MG  .  MG    ? ? ? 1_555 E HOH .  O  ? ? A MG  101 A HOH 275 1_555  ? ? ? ? ? ? ?            2.088 ? ? 
metalc7  metalc ?    ? B MG  .  MG    ? ? ? 1_555 E HOH .  O  ? ? A MG  101 A HOH 276 1_555  ? ? ? ? ? ? ?            2.237 ? ? 
metalc8  metalc ?    ? C MG  .  MG    ? ? ? 1_555 E HOH .  O  ? ? A MG  102 A HOH 217 1_555  ? ? ? ? ? ? ?            2.038 ? ? 
metalc9  metalc ?    ? C MG  .  MG    ? ? ? 1_555 E HOH .  O  ? ? A MG  102 A HOH 230 1_555  ? ? ? ? ? ? ?            2.232 ? ? 
metalc10 metalc ?    ? C MG  .  MG    ? ? ? 1_555 E HOH .  O  ? ? A MG  102 A HOH 255 1_555  ? ? ? ? ? ? ?            2.061 ? ? 
metalc11 metalc ?    ? C MG  .  MG    ? ? ? 1_555 E HOH .  O  ? ? A MG  102 A HOH 269 1_555  ? ? ? ? ? ? ?            2.237 ? ? 
metalc12 metalc ?    ? C MG  .  MG    ? ? ? 1_555 E HOH .  O  ? ? A MG  102 A HOH 277 1_555  ? ? ? ? ? ? ?            2.224 ? ? 
metalc13 metalc ?    ? D MG  .  MG    ? ? ? 1_555 E HOH .  O  ? ? A MG  103 A HOH 215 5_445  ? ? ? ? ? ? ?            2.157 ? ? 
metalc14 metalc ?    ? D MG  .  MG    ? ? ? 1_555 E HOH .  O  ? ? A MG  103 A HOH 226 12_455 ? ? ? ? ? ? ?            2.349 ? ? 
metalc15 metalc ?    ? D MG  .  MG    ? ? ? 1_555 E HOH .  O  ? ? A MG  103 A HOH 246 1_555  ? ? ? ? ? ? ?            2.018 ? ? 
metalc16 metalc ?    ? D MG  .  MG    ? ? ? 1_555 E HOH .  O  ? ? A MG  103 A HOH 268 1_555  ? ? ? ? ? ? ?            2.952 ? ? 
hydrog1  hydrog ?    ? A A   1  N1    ? ? ? 1_555 A U   16 N3 ? ? A A   1   A U   16  6_555  ? ? ? ? ? ? WATSON-CRICK ?     ? ? 
hydrog2  hydrog ?    ? A A   1  N6    ? ? ? 1_555 A U   16 O4 ? ? A A   1   A U   16  6_555  ? ? ? ? ? ? WATSON-CRICK ?     ? ? 
hydrog3  hydrog ?    ? A DI  2  N1    ? ? ? 1_555 A RSP 15 N3 ? ? A DI  2   A RSP 15  6_555  ? ? ? ? ? ? TYPE_29_PAIR ?     ? ? 
hydrog4  hydrog ?    ? A DI  2  O6    ? ? ? 1_555 A RSP 15 N4 ? ? A DI  2   A RSP 15  6_555  ? ? ? ? ? ? TYPE_29_PAIR ?     ? ? 
hydrog5  hydrog ?    ? A A   3  N1    ? ? ? 1_555 A U   14 N3 ? ? A A   3   A U   14  6_555  ? ? ? ? ? ? WATSON-CRICK ?     ? ? 
hydrog6  hydrog ?    ? A A   3  N6    ? ? ? 1_555 A U   14 O4 ? ? A A   3   A U   14  6_555  ? ? ? ? ? ? WATSON-CRICK ?     ? ? 
hydrog7  hydrog ?    ? A G   4  N1    ? ? ? 1_555 A C   13 N3 ? ? A G   4   A C   13  6_555  ? ? ? ? ? ? WATSON-CRICK ?     ? ? 
hydrog8  hydrog ?    ? A G   4  N2    ? ? ? 1_555 A C   13 O2 ? ? A G   4   A C   13  6_555  ? ? ? ? ? ? WATSON-CRICK ?     ? ? 
hydrog9  hydrog ?    ? A G   4  O6    ? ? ? 1_555 A C   13 N4 ? ? A G   4   A C   13  6_555  ? ? ? ? ? ? WATSON-CRICK ?     ? ? 
hydrog10 hydrog ?    ? A A   5  N1    ? ? ? 1_555 A U   12 N3 ? ? A A   5   A U   12  6_555  ? ? ? ? ? ? WATSON-CRICK ?     ? ? 
hydrog11 hydrog ?    ? A A   5  N6    ? ? ? 1_555 A U   12 O4 ? ? A A   5   A U   12  6_555  ? ? ? ? ? ? WATSON-CRICK ?     ? ? 
hydrog12 hydrog ?    ? A A   6  N1    ? ? ? 1_555 A U   11 N3 ? ? A A   6   A U   11  6_555  ? ? ? ? ? ? WATSON-CRICK ?     ? ? 
hydrog13 hydrog ?    ? A A   6  N6    ? ? ? 1_555 A U   11 O4 ? ? A A   6   A U   11  6_555  ? ? ? ? ? ? WATSON-CRICK ?     ? ? 
hydrog14 hydrog ?    ? A G   7  N1    ? ? ? 1_555 A C   10 N3 ? ? A G   7   A C   10  6_555  ? ? ? ? ? ? WATSON-CRICK ?     ? ? 
hydrog15 hydrog ?    ? A G   7  N2    ? ? ? 1_555 A C   10 O2 ? ? A G   7   A C   10  6_555  ? ? ? ? ? ? WATSON-CRICK ?     ? ? 
hydrog16 hydrog ?    ? A G   7  O6    ? ? ? 1_555 A C   10 N4 ? ? A G   7   A C   10  6_555  ? ? ? ? ? ? WATSON-CRICK ?     ? ? 
hydrog17 hydrog ?    ? A A   8  N1    ? ? ? 1_555 A U   9  N3 ? ? A A   8   A U   9   6_555  ? ? ? ? ? ? WATSON-CRICK ?     ? ? 
hydrog18 hydrog ?    ? A A   8  N6    ? ? ? 1_555 A U   9  O4 ? ? A A   8   A U   9   6_555  ? ? ? ? ? ? WATSON-CRICK ?     ? ? 
hydrog19 hydrog ?    ? A U   9  N3    ? ? ? 1_555 A A   8  N1 ? ? A U   9   A A   8   6_555  ? ? ? ? ? ? WATSON-CRICK ?     ? ? 
hydrog20 hydrog ?    ? A U   9  O4    ? ? ? 1_555 A A   8  N6 ? ? A U   9   A A   8   6_555  ? ? ? ? ? ? WATSON-CRICK ?     ? ? 
hydrog21 hydrog ?    ? A C   10 N3    ? ? ? 1_555 A G   7  N1 ? ? A C   10  A G   7   6_555  ? ? ? ? ? ? WATSON-CRICK ?     ? ? 
hydrog22 hydrog ?    ? A C   10 N4    ? ? ? 1_555 A G   7  O6 ? ? A C   10  A G   7   6_555  ? ? ? ? ? ? WATSON-CRICK ?     ? ? 
hydrog23 hydrog ?    ? A C   10 O2    ? ? ? 1_555 A G   7  N2 ? ? A C   10  A G   7   6_555  ? ? ? ? ? ? WATSON-CRICK ?     ? ? 
hydrog24 hydrog ?    ? A U   11 N3    ? ? ? 1_555 A A   6  N1 ? ? A U   11  A A   6   6_555  ? ? ? ? ? ? WATSON-CRICK ?     ? ? 
hydrog25 hydrog ?    ? A U   11 O4    ? ? ? 1_555 A A   6  N6 ? ? A U   11  A A   6   6_555  ? ? ? ? ? ? WATSON-CRICK ?     ? ? 
hydrog26 hydrog ?    ? A U   12 N3    ? ? ? 1_555 A A   5  N1 ? ? A U   12  A A   5   6_555  ? ? ? ? ? ? WATSON-CRICK ?     ? ? 
hydrog27 hydrog ?    ? A U   12 O4    ? ? ? 1_555 A A   5  N6 ? ? A U   12  A A   5   6_555  ? ? ? ? ? ? WATSON-CRICK ?     ? ? 
hydrog28 hydrog ?    ? A C   13 N3    ? ? ? 1_555 A G   4  N1 ? ? A C   13  A G   4   6_555  ? ? ? ? ? ? WATSON-CRICK ?     ? ? 
hydrog29 hydrog ?    ? A C   13 N4    ? ? ? 1_555 A G   4  O6 ? ? A C   13  A G   4   6_555  ? ? ? ? ? ? WATSON-CRICK ?     ? ? 
hydrog30 hydrog ?    ? A C   13 O2    ? ? ? 1_555 A G   4  N2 ? ? A C   13  A G   4   6_555  ? ? ? ? ? ? WATSON-CRICK ?     ? ? 
hydrog31 hydrog ?    ? A U   14 N3    ? ? ? 1_555 A A   3  N1 ? ? A U   14  A A   3   6_555  ? ? ? ? ? ? WATSON-CRICK ?     ? ? 
hydrog32 hydrog ?    ? A U   14 O4    ? ? ? 1_555 A A   3  N6 ? ? A U   14  A A   3   6_555  ? ? ? ? ? ? WATSON-CRICK ?     ? ? 
hydrog33 hydrog ?    ? A RSP 15 N3    ? ? ? 1_555 A DI  2  N1 ? ? A RSP 15  A DI  2   6_555  ? ? ? ? ? ? TYPE_29_PAIR ?     ? ? 
hydrog34 hydrog ?    ? A RSP 15 N4    ? ? ? 1_555 A DI  2  O6 ? ? A RSP 15  A DI  2   6_555  ? ? ? ? ? ? TYPE_29_PAIR ?     ? ? 
hydrog35 hydrog ?    ? A U   16 N3    ? ? ? 1_555 A A   1  N1 ? ? A U   16  A A   1   6_555  ? ? ? ? ? ? WATSON-CRICK ?     ? ? 
hydrog36 hydrog ?    ? A U   16 O4    ? ? ? 1_555 A A   1  N6 ? ? A U   16  A A   1   6_555  ? ? ? ? ? ? WATSON-CRICK ?     ? ? 
# 
loop_
_struct_conn_type.id 
_struct_conn_type.criteria 
_struct_conn_type.reference 
covale ? ? 
metalc ? ? 
hydrog ? ? 
# 
loop_
_pdbx_struct_conn_angle.id 
_pdbx_struct_conn_angle.ptnr1_label_atom_id 
_pdbx_struct_conn_angle.ptnr1_label_alt_id 
_pdbx_struct_conn_angle.ptnr1_label_asym_id 
_pdbx_struct_conn_angle.ptnr1_label_comp_id 
_pdbx_struct_conn_angle.ptnr1_label_seq_id 
_pdbx_struct_conn_angle.ptnr1_auth_atom_id 
_pdbx_struct_conn_angle.ptnr1_auth_asym_id 
_pdbx_struct_conn_angle.ptnr1_auth_comp_id 
_pdbx_struct_conn_angle.ptnr1_auth_seq_id 
_pdbx_struct_conn_angle.ptnr1_PDB_ins_code 
_pdbx_struct_conn_angle.ptnr1_symmetry 
_pdbx_struct_conn_angle.ptnr2_label_atom_id 
_pdbx_struct_conn_angle.ptnr2_label_alt_id 
_pdbx_struct_conn_angle.ptnr2_label_asym_id 
_pdbx_struct_conn_angle.ptnr2_label_comp_id 
_pdbx_struct_conn_angle.ptnr2_label_seq_id 
_pdbx_struct_conn_angle.ptnr2_auth_atom_id 
_pdbx_struct_conn_angle.ptnr2_auth_asym_id 
_pdbx_struct_conn_angle.ptnr2_auth_comp_id 
_pdbx_struct_conn_angle.ptnr2_auth_seq_id 
_pdbx_struct_conn_angle.ptnr2_PDB_ins_code 
_pdbx_struct_conn_angle.ptnr2_symmetry 
_pdbx_struct_conn_angle.ptnr3_label_atom_id 
_pdbx_struct_conn_angle.ptnr3_label_alt_id 
_pdbx_struct_conn_angle.ptnr3_label_asym_id 
_pdbx_struct_conn_angle.ptnr3_label_comp_id 
_pdbx_struct_conn_angle.ptnr3_label_seq_id 
_pdbx_struct_conn_angle.ptnr3_auth_atom_id 
_pdbx_struct_conn_angle.ptnr3_auth_asym_id 
_pdbx_struct_conn_angle.ptnr3_auth_comp_id 
_pdbx_struct_conn_angle.ptnr3_auth_seq_id 
_pdbx_struct_conn_angle.ptnr3_PDB_ins_code 
_pdbx_struct_conn_angle.ptnr3_symmetry 
_pdbx_struct_conn_angle.value 
_pdbx_struct_conn_angle.value_esd 
1  OP1 ? A U   12 ? A U   12  ? 1_555  MG ? D MG . ? A MG 103 ? 1_555 O ? E HOH . ? A HOH 215 ? 5_445  76.8  ? 
2  OP1 ? A U   12 ? A U   12  ? 1_555  MG ? D MG . ? A MG 103 ? 1_555 O ? E HOH . ? A HOH 226 ? 12_455 79.9  ? 
3  O   ? E HOH .  ? A HOH 215 ? 5_445  MG ? D MG . ? A MG 103 ? 1_555 O ? E HOH . ? A HOH 226 ? 12_455 101.0 ? 
4  OP1 ? A U   12 ? A U   12  ? 1_555  MG ? D MG . ? A MG 103 ? 1_555 O ? E HOH . ? A HOH 246 ? 1_555  76.0  ? 
5  O   ? E HOH .  ? A HOH 215 ? 5_445  MG ? D MG . ? A MG 103 ? 1_555 O ? E HOH . ? A HOH 246 ? 1_555  139.7 ? 
6  O   ? E HOH .  ? A HOH 226 ? 12_455 MG ? D MG . ? A MG 103 ? 1_555 O ? E HOH . ? A HOH 246 ? 1_555  102.8 ? 
7  OP1 ? A U   12 ? A U   12  ? 1_555  MG ? D MG . ? A MG 103 ? 1_555 O ? E HOH . ? A HOH 268 ? 1_555  84.0  ? 
8  O   ? E HOH .  ? A HOH 215 ? 5_445  MG ? D MG . ? A MG 103 ? 1_555 O ? E HOH . ? A HOH 268 ? 1_555  78.8  ? 
9  O   ? E HOH .  ? A HOH 226 ? 12_455 MG ? D MG . ? A MG 103 ? 1_555 O ? E HOH . ? A HOH 268 ? 1_555  163.5 ? 
10 O   ? E HOH .  ? A HOH 246 ? 1_555  MG ? D MG . ? A MG 103 ? 1_555 O ? E HOH . ? A HOH 268 ? 1_555  69.4  ? 
11 O   ? E HOH .  ? A HOH 205 ? 1_555  MG ? B MG . ? A MG 101 ? 1_555 O ? E HOH . ? A HOH 209 ? 1_555  104.1 ? 
12 O   ? E HOH .  ? A HOH 205 ? 1_555  MG ? B MG . ? A MG 101 ? 1_555 O ? E HOH . ? A HOH 251 ? 1_555  89.3  ? 
13 O   ? E HOH .  ? A HOH 209 ? 1_555  MG ? B MG . ? A MG 101 ? 1_555 O ? E HOH . ? A HOH 251 ? 1_555  87.4  ? 
14 O   ? E HOH .  ? A HOH 205 ? 1_555  MG ? B MG . ? A MG 101 ? 1_555 O ? E HOH . ? A HOH 273 ? 1_555  82.4  ? 
15 O   ? E HOH .  ? A HOH 209 ? 1_555  MG ? B MG . ? A MG 101 ? 1_555 O ? E HOH . ? A HOH 273 ? 1_555  173.4 ? 
16 O   ? E HOH .  ? A HOH 251 ? 1_555  MG ? B MG . ? A MG 101 ? 1_555 O ? E HOH . ? A HOH 273 ? 1_555  93.8  ? 
17 O   ? E HOH .  ? A HOH 205 ? 1_555  MG ? B MG . ? A MG 101 ? 1_555 O ? E HOH . ? A HOH 275 ? 1_555  174.3 ? 
18 O   ? E HOH .  ? A HOH 209 ? 1_555  MG ? B MG . ? A MG 101 ? 1_555 O ? E HOH . ? A HOH 275 ? 1_555  72.2  ? 
19 O   ? E HOH .  ? A HOH 251 ? 1_555  MG ? B MG . ? A MG 101 ? 1_555 O ? E HOH . ? A HOH 275 ? 1_555  86.3  ? 
20 O   ? E HOH .  ? A HOH 273 ? 1_555  MG ? B MG . ? A MG 101 ? 1_555 O ? E HOH . ? A HOH 275 ? 1_555  101.5 ? 
21 O   ? E HOH .  ? A HOH 205 ? 1_555  MG ? B MG . ? A MG 101 ? 1_555 O ? E HOH . ? A HOH 276 ? 1_555  89.3  ? 
22 O   ? E HOH .  ? A HOH 209 ? 1_555  MG ? B MG . ? A MG 101 ? 1_555 O ? E HOH . ? A HOH 276 ? 1_555  86.6  ? 
23 O   ? E HOH .  ? A HOH 251 ? 1_555  MG ? B MG . ? A MG 101 ? 1_555 O ? E HOH . ? A HOH 276 ? 1_555  173.3 ? 
24 O   ? E HOH .  ? A HOH 273 ? 1_555  MG ? B MG . ? A MG 101 ? 1_555 O ? E HOH . ? A HOH 276 ? 1_555  92.5  ? 
25 O   ? E HOH .  ? A HOH 275 ? 1_555  MG ? B MG . ? A MG 101 ? 1_555 O ? E HOH . ? A HOH 276 ? 1_555  94.7  ? 
26 O   ? E HOH .  ? A HOH 217 ? 1_555  MG ? C MG . ? A MG 102 ? 1_555 O ? E HOH . ? A HOH 230 ? 1_555  87.2  ? 
27 O   ? E HOH .  ? A HOH 217 ? 1_555  MG ? C MG . ? A MG 102 ? 1_555 O ? E HOH . ? A HOH 255 ? 1_555  94.0  ? 
28 O   ? E HOH .  ? A HOH 230 ? 1_555  MG ? C MG . ? A MG 102 ? 1_555 O ? E HOH . ? A HOH 255 ? 1_555  95.5  ? 
29 O   ? E HOH .  ? A HOH 217 ? 1_555  MG ? C MG . ? A MG 102 ? 1_555 O ? E HOH . ? A HOH 269 ? 1_555  85.9  ? 
30 O   ? E HOH .  ? A HOH 230 ? 1_555  MG ? C MG . ? A MG 102 ? 1_555 O ? E HOH . ? A HOH 269 ? 1_555  172.2 ? 
31 O   ? E HOH .  ? A HOH 255 ? 1_555  MG ? C MG . ? A MG 102 ? 1_555 O ? E HOH . ? A HOH 269 ? 1_555  81.3  ? 
32 O   ? E HOH .  ? A HOH 217 ? 1_555  MG ? C MG . ? A MG 102 ? 1_555 O ? E HOH . ? A HOH 277 ? 1_555  92.6  ? 
33 O   ? E HOH .  ? A HOH 230 ? 1_555  MG ? C MG . ? A MG 102 ? 1_555 O ? E HOH . ? A HOH 277 ? 1_555  80.9  ? 
34 O   ? E HOH .  ? A HOH 255 ? 1_555  MG ? C MG . ? A MG 102 ? 1_555 O ? E HOH . ? A HOH 277 ? 1_555  172.3 ? 
35 O   ? E HOH .  ? A HOH 269 ? 1_555  MG ? C MG . ? A MG 102 ? 1_555 O ? E HOH . ? A HOH 277 ? 1_555  103.1 ? 
# 
_pdbx_entry_details.entry_id                   9OL0 
_pdbx_entry_details.nonpolymer_details         ? 
_pdbx_entry_details.sequence_details           ? 
_pdbx_entry_details.compound_details           ? 
_pdbx_entry_details.source_details             ? 
_pdbx_entry_details.has_ligand_of_interest     Y 
_pdbx_entry_details.has_protein_modification   N 
# 
loop_
_pdbx_validate_close_contact.id 
_pdbx_validate_close_contact.PDB_model_num 
_pdbx_validate_close_contact.auth_atom_id_1 
_pdbx_validate_close_contact.auth_asym_id_1 
_pdbx_validate_close_contact.auth_comp_id_1 
_pdbx_validate_close_contact.auth_seq_id_1 
_pdbx_validate_close_contact.PDB_ins_code_1 
_pdbx_validate_close_contact.label_alt_id_1 
_pdbx_validate_close_contact.auth_atom_id_2 
_pdbx_validate_close_contact.auth_asym_id_2 
_pdbx_validate_close_contact.auth_comp_id_2 
_pdbx_validate_close_contact.auth_seq_id_2 
_pdbx_validate_close_contact.PDB_ins_code_2 
_pdbx_validate_close_contact.label_alt_id_2 
_pdbx_validate_close_contact.dist 
1 1 OP1 A U   14  ? ? O A HOH 201 ? ? 2.11 
2 1 O   A HOH 214 ? ? O A HOH 271 ? ? 2.15 
# 
loop_
_pdbx_struct_special_symmetry.id 
_pdbx_struct_special_symmetry.PDB_model_num 
_pdbx_struct_special_symmetry.auth_asym_id 
_pdbx_struct_special_symmetry.auth_comp_id 
_pdbx_struct_special_symmetry.auth_seq_id 
_pdbx_struct_special_symmetry.PDB_ins_code 
_pdbx_struct_special_symmetry.label_asym_id 
_pdbx_struct_special_symmetry.label_comp_id 
_pdbx_struct_special_symmetry.label_seq_id 
1 1 A HOH 212 ? E HOH . 
2 1 A HOH 243 ? E HOH . 
3 1 A HOH 253 ? E HOH . 
4 1 A HOH 267 ? E HOH . 
# 
loop_
_chem_comp_atom.comp_id 
_chem_comp_atom.atom_id 
_chem_comp_atom.type_symbol 
_chem_comp_atom.pdbx_aromatic_flag 
_chem_comp_atom.pdbx_stereo_config 
_chem_comp_atom.pdbx_ordinal 
A   OP3    O  N N 1   
A   P      P  N N 2   
A   OP1    O  N N 3   
A   OP2    O  N N 4   
A   "O5'"  O  N N 5   
A   "C5'"  C  N N 6   
A   "C4'"  C  N R 7   
A   "O4'"  O  N N 8   
A   "C3'"  C  N S 9   
A   "O3'"  O  N N 10  
A   "C2'"  C  N R 11  
A   "O2'"  O  N N 12  
A   "C1'"  C  N R 13  
A   N9     N  Y N 14  
A   C8     C  Y N 15  
A   N7     N  Y N 16  
A   C5     C  Y N 17  
A   C6     C  Y N 18  
A   N6     N  N N 19  
A   N1     N  Y N 20  
A   C2     C  Y N 21  
A   N3     N  Y N 22  
A   C4     C  Y N 23  
A   HOP3   H  N N 24  
A   HOP2   H  N N 25  
A   "H5'"  H  N N 26  
A   "H5''" H  N N 27  
A   "H4'"  H  N N 28  
A   "H3'"  H  N N 29  
A   "HO3'" H  N N 30  
A   "H2'"  H  N N 31  
A   "HO2'" H  N N 32  
A   "H1'"  H  N N 33  
A   H8     H  N N 34  
A   H61    H  N N 35  
A   H62    H  N N 36  
A   H2     H  N N 37  
C   OP3    O  N N 38  
C   P      P  N N 39  
C   OP1    O  N N 40  
C   OP2    O  N N 41  
C   "O5'"  O  N N 42  
C   "C5'"  C  N N 43  
C   "C4'"  C  N R 44  
C   "O4'"  O  N N 45  
C   "C3'"  C  N S 46  
C   "O3'"  O  N N 47  
C   "C2'"  C  N R 48  
C   "O2'"  O  N N 49  
C   "C1'"  C  N R 50  
C   N1     N  N N 51  
C   C2     C  N N 52  
C   O2     O  N N 53  
C   N3     N  N N 54  
C   C4     C  N N 55  
C   N4     N  N N 56  
C   C5     C  N N 57  
C   C6     C  N N 58  
C   HOP3   H  N N 59  
C   HOP2   H  N N 60  
C   "H5'"  H  N N 61  
C   "H5''" H  N N 62  
C   "H4'"  H  N N 63  
C   "H3'"  H  N N 64  
C   "HO3'" H  N N 65  
C   "H2'"  H  N N 66  
C   "HO2'" H  N N 67  
C   "H1'"  H  N N 68  
C   H41    H  N N 69  
C   H42    H  N N 70  
C   H5     H  N N 71  
C   H6     H  N N 72  
DI  OP3    O  N N 73  
DI  P      P  N N 74  
DI  OP1    O  N N 75  
DI  OP2    O  N N 76  
DI  "O5'"  O  N N 77  
DI  "C5'"  C  N N 78  
DI  "C4'"  C  N R 79  
DI  "O4'"  O  N N 80  
DI  "C3'"  C  N S 81  
DI  "O3'"  O  N N 82  
DI  "C2'"  C  N N 83  
DI  "C1'"  C  N R 84  
DI  N9     N  Y N 85  
DI  C8     C  Y N 86  
DI  N7     N  Y N 87  
DI  C5     C  Y N 88  
DI  C6     C  N N 89  
DI  O6     O  N N 90  
DI  N1     N  N N 91  
DI  C2     C  N N 92  
DI  N3     N  N N 93  
DI  C4     C  Y N 94  
DI  HOP3   H  N N 95  
DI  HOP2   H  N N 96  
DI  "H5'"  H  N N 97  
DI  "H5''" H  N N 98  
DI  "H4'"  H  N N 99  
DI  "H3'"  H  N N 100 
DI  "HO3'" H  N N 101 
DI  "H2'"  H  N N 102 
DI  "H2''" H  N N 103 
DI  "H1'"  H  N N 104 
DI  H8     H  N N 105 
DI  H1     H  N N 106 
DI  H2     H  N N 107 
G   OP3    O  N N 108 
G   P      P  N N 109 
G   OP1    O  N N 110 
G   OP2    O  N N 111 
G   "O5'"  O  N N 112 
G   "C5'"  C  N N 113 
G   "C4'"  C  N R 114 
G   "O4'"  O  N N 115 
G   "C3'"  C  N S 116 
G   "O3'"  O  N N 117 
G   "C2'"  C  N R 118 
G   "O2'"  O  N N 119 
G   "C1'"  C  N R 120 
G   N9     N  Y N 121 
G   C8     C  Y N 122 
G   N7     N  Y N 123 
G   C5     C  Y N 124 
G   C6     C  N N 125 
G   O6     O  N N 126 
G   N1     N  N N 127 
G   C2     C  N N 128 
G   N2     N  N N 129 
G   N3     N  N N 130 
G   C4     C  Y N 131 
G   HOP3   H  N N 132 
G   HOP2   H  N N 133 
G   "H5'"  H  N N 134 
G   "H5''" H  N N 135 
G   "H4'"  H  N N 136 
G   "H3'"  H  N N 137 
G   "HO3'" H  N N 138 
G   "H2'"  H  N N 139 
G   "HO2'" H  N N 140 
G   "H1'"  H  N N 141 
G   H8     H  N N 142 
G   H1     H  N N 143 
G   H21    H  N N 144 
G   H22    H  N N 145 
HOH O      O  N N 146 
HOH H1     H  N N 147 
HOH H2     H  N N 148 
MG  MG     MG N N 149 
RSP P      P  N N 150 
RSP N1     N  N N 151 
RSP C2     C  N N 152 
RSP S2     S  N N 153 
RSP N3     N  N N 154 
RSP C4     C  N N 155 
RSP N4     N  N N 156 
RSP C5     C  N N 157 
RSP C6     C  N N 158 
RSP "C1'"  C  N R 159 
RSP "C2'"  C  N R 160 
RSP "O2'"  O  N N 161 
RSP "C3'"  C  N S 162 
RSP "O3'"  O  N N 163 
RSP "C4'"  C  N R 164 
RSP "O4'"  O  N N 165 
RSP "C5'"  C  N N 166 
RSP "O5'"  O  N N 167 
RSP OP1    O  N N 168 
RSP OP2    O  N N 169 
RSP OP3    O  N N 170 
RSP H5     H  N N 171 
RSP H6     H  N N 172 
RSP "H5'"  H  N N 173 
RSP "H1'"  H  N N 174 
RSP "H2'"  H  N N 175 
RSP "HO2'" H  N N 176 
RSP "H3'"  H  N N 177 
RSP "H4'"  H  N N 178 
RSP HN4    H  N N 179 
RSP HN4A   H  N N 180 
RSP "H5'A" H  N N 181 
RSP "HO3'" H  N N 182 
RSP HOP2   H  N N 183 
RSP HOP3   H  N N 184 
U   OP3    O  N N 185 
U   P      P  N N 186 
U   OP1    O  N N 187 
U   OP2    O  N N 188 
U   "O5'"  O  N N 189 
U   "C5'"  C  N N 190 
U   "C4'"  C  N R 191 
U   "O4'"  O  N N 192 
U   "C3'"  C  N S 193 
U   "O3'"  O  N N 194 
U   "C2'"  C  N R 195 
U   "O2'"  O  N N 196 
U   "C1'"  C  N R 197 
U   N1     N  N N 198 
U   C2     C  N N 199 
U   O2     O  N N 200 
U   N3     N  N N 201 
U   C4     C  N N 202 
U   O4     O  N N 203 
U   C5     C  N N 204 
U   C6     C  N N 205 
U   HOP3   H  N N 206 
U   HOP2   H  N N 207 
U   "H5'"  H  N N 208 
U   "H5''" H  N N 209 
U   "H4'"  H  N N 210 
U   "H3'"  H  N N 211 
U   "HO3'" H  N N 212 
U   "H2'"  H  N N 213 
U   "HO2'" H  N N 214 
U   "H1'"  H  N N 215 
U   H3     H  N N 216 
U   H5     H  N N 217 
U   H6     H  N N 218 
# 
loop_
_chem_comp_bond.comp_id 
_chem_comp_bond.atom_id_1 
_chem_comp_bond.atom_id_2 
_chem_comp_bond.value_order 
_chem_comp_bond.pdbx_aromatic_flag 
_chem_comp_bond.pdbx_stereo_config 
_chem_comp_bond.pdbx_ordinal 
A   OP3    P      sing N N 1   
A   OP3    HOP3   sing N N 2   
A   P      OP1    doub N N 3   
A   P      OP2    sing N N 4   
A   P      "O5'"  sing N N 5   
A   OP2    HOP2   sing N N 6   
A   "O5'"  "C5'"  sing N N 7   
A   "C5'"  "C4'"  sing N N 8   
A   "C5'"  "H5'"  sing N N 9   
A   "C5'"  "H5''" sing N N 10  
A   "C4'"  "O4'"  sing N N 11  
A   "C4'"  "C3'"  sing N N 12  
A   "C4'"  "H4'"  sing N N 13  
A   "O4'"  "C1'"  sing N N 14  
A   "C3'"  "O3'"  sing N N 15  
A   "C3'"  "C2'"  sing N N 16  
A   "C3'"  "H3'"  sing N N 17  
A   "O3'"  "HO3'" sing N N 18  
A   "C2'"  "O2'"  sing N N 19  
A   "C2'"  "C1'"  sing N N 20  
A   "C2'"  "H2'"  sing N N 21  
A   "O2'"  "HO2'" sing N N 22  
A   "C1'"  N9     sing N N 23  
A   "C1'"  "H1'"  sing N N 24  
A   N9     C8     sing Y N 25  
A   N9     C4     sing Y N 26  
A   C8     N7     doub Y N 27  
A   C8     H8     sing N N 28  
A   N7     C5     sing Y N 29  
A   C5     C6     sing Y N 30  
A   C5     C4     doub Y N 31  
A   C6     N6     sing N N 32  
A   C6     N1     doub Y N 33  
A   N6     H61    sing N N 34  
A   N6     H62    sing N N 35  
A   N1     C2     sing Y N 36  
A   C2     N3     doub Y N 37  
A   C2     H2     sing N N 38  
A   N3     C4     sing Y N 39  
C   OP3    P      sing N N 40  
C   OP3    HOP3   sing N N 41  
C   P      OP1    doub N N 42  
C   P      OP2    sing N N 43  
C   P      "O5'"  sing N N 44  
C   OP2    HOP2   sing N N 45  
C   "O5'"  "C5'"  sing N N 46  
C   "C5'"  "C4'"  sing N N 47  
C   "C5'"  "H5'"  sing N N 48  
C   "C5'"  "H5''" sing N N 49  
C   "C4'"  "O4'"  sing N N 50  
C   "C4'"  "C3'"  sing N N 51  
C   "C4'"  "H4'"  sing N N 52  
C   "O4'"  "C1'"  sing N N 53  
C   "C3'"  "O3'"  sing N N 54  
C   "C3'"  "C2'"  sing N N 55  
C   "C3'"  "H3'"  sing N N 56  
C   "O3'"  "HO3'" sing N N 57  
C   "C2'"  "O2'"  sing N N 58  
C   "C2'"  "C1'"  sing N N 59  
C   "C2'"  "H2'"  sing N N 60  
C   "O2'"  "HO2'" sing N N 61  
C   "C1'"  N1     sing N N 62  
C   "C1'"  "H1'"  sing N N 63  
C   N1     C2     sing N N 64  
C   N1     C6     sing N N 65  
C   C2     O2     doub N N 66  
C   C2     N3     sing N N 67  
C   N3     C4     doub N N 68  
C   C4     N4     sing N N 69  
C   C4     C5     sing N N 70  
C   N4     H41    sing N N 71  
C   N4     H42    sing N N 72  
C   C5     C6     doub N N 73  
C   C5     H5     sing N N 74  
C   C6     H6     sing N N 75  
DI  OP3    P      sing N N 76  
DI  OP3    HOP3   sing N N 77  
DI  P      OP1    doub N N 78  
DI  P      OP2    sing N N 79  
DI  P      "O5'"  sing N N 80  
DI  OP2    HOP2   sing N N 81  
DI  "O5'"  "C5'"  sing N N 82  
DI  "C5'"  "C4'"  sing N N 83  
DI  "C5'"  "H5'"  sing N N 84  
DI  "C5'"  "H5''" sing N N 85  
DI  "C4'"  "O4'"  sing N N 86  
DI  "C4'"  "C3'"  sing N N 87  
DI  "C4'"  "H4'"  sing N N 88  
DI  "O4'"  "C1'"  sing N N 89  
DI  "C3'"  "O3'"  sing N N 90  
DI  "C3'"  "C2'"  sing N N 91  
DI  "C3'"  "H3'"  sing N N 92  
DI  "O3'"  "HO3'" sing N N 93  
DI  "C2'"  "C1'"  sing N N 94  
DI  "C2'"  "H2'"  sing N N 95  
DI  "C2'"  "H2''" sing N N 96  
DI  "C1'"  N9     sing N N 97  
DI  "C1'"  "H1'"  sing N N 98  
DI  N9     C8     sing Y N 99  
DI  N9     C4     sing Y N 100 
DI  C8     N7     doub Y N 101 
DI  C8     H8     sing N N 102 
DI  N7     C5     sing Y N 103 
DI  C5     C6     sing N N 104 
DI  C5     C4     doub Y N 105 
DI  C6     O6     doub N N 106 
DI  C6     N1     sing N N 107 
DI  N1     C2     sing N N 108 
DI  N1     H1     sing N N 109 
DI  C2     N3     doub N N 110 
DI  C2     H2     sing N N 111 
DI  N3     C4     sing N N 112 
G   OP3    P      sing N N 113 
G   OP3    HOP3   sing N N 114 
G   P      OP1    doub N N 115 
G   P      OP2    sing N N 116 
G   P      "O5'"  sing N N 117 
G   OP2    HOP2   sing N N 118 
G   "O5'"  "C5'"  sing N N 119 
G   "C5'"  "C4'"  sing N N 120 
G   "C5'"  "H5'"  sing N N 121 
G   "C5'"  "H5''" sing N N 122 
G   "C4'"  "O4'"  sing N N 123 
G   "C4'"  "C3'"  sing N N 124 
G   "C4'"  "H4'"  sing N N 125 
G   "O4'"  "C1'"  sing N N 126 
G   "C3'"  "O3'"  sing N N 127 
G   "C3'"  "C2'"  sing N N 128 
G   "C3'"  "H3'"  sing N N 129 
G   "O3'"  "HO3'" sing N N 130 
G   "C2'"  "O2'"  sing N N 131 
G   "C2'"  "C1'"  sing N N 132 
G   "C2'"  "H2'"  sing N N 133 
G   "O2'"  "HO2'" sing N N 134 
G   "C1'"  N9     sing N N 135 
G   "C1'"  "H1'"  sing N N 136 
G   N9     C8     sing Y N 137 
G   N9     C4     sing Y N 138 
G   C8     N7     doub Y N 139 
G   C8     H8     sing N N 140 
G   N7     C5     sing Y N 141 
G   C5     C6     sing N N 142 
G   C5     C4     doub Y N 143 
G   C6     O6     doub N N 144 
G   C6     N1     sing N N 145 
G   N1     C2     sing N N 146 
G   N1     H1     sing N N 147 
G   C2     N2     sing N N 148 
G   C2     N3     doub N N 149 
G   N2     H21    sing N N 150 
G   N2     H22    sing N N 151 
G   N3     C4     sing N N 152 
HOH O      H1     sing N N 153 
HOH O      H2     sing N N 154 
RSP OP1    P      doub N N 155 
RSP OP3    P      sing N N 156 
RSP P      OP2    sing N N 157 
RSP P      "O5'"  sing N N 158 
RSP C6     N1     sing N N 159 
RSP N1     C2     sing N N 160 
RSP N1     "C1'"  sing N N 161 
RSP N3     C2     sing N N 162 
RSP C2     S2     doub N N 163 
RSP C4     N3     doub N N 164 
RSP N4     C4     sing N N 165 
RSP C5     C4     sing N N 166 
RSP HN4    N4     sing N N 167 
RSP N4     HN4A   sing N N 168 
RSP H5     C5     sing N N 169 
RSP C5     C6     doub N N 170 
RSP H6     C6     sing N N 171 
RSP "O4'"  "C1'"  sing N N 172 
RSP "C1'"  "H1'"  sing N N 173 
RSP "C1'"  "C2'"  sing N N 174 
RSP "C3'"  "C2'"  sing N N 175 
RSP "C2'"  "H2'"  sing N N 176 
RSP "C2'"  "O2'"  sing N N 177 
RSP "O2'"  "HO2'" sing N N 178 
RSP "C4'"  "C3'"  sing N N 179 
RSP "H3'"  "C3'"  sing N N 180 
RSP "C3'"  "O3'"  sing N N 181 
RSP "O3'"  "HO3'" sing N N 182 
RSP "C5'"  "C4'"  sing N N 183 
RSP "O4'"  "C4'"  sing N N 184 
RSP "C4'"  "H4'"  sing N N 185 
RSP "O5'"  "C5'"  sing N N 186 
RSP "H5'A" "C5'"  sing N N 187 
RSP "C5'"  "H5'"  sing N N 188 
RSP OP2    HOP2   sing N N 189 
RSP OP3    HOP3   sing N N 190 
U   OP3    P      sing N N 191 
U   OP3    HOP3   sing N N 192 
U   P      OP1    doub N N 193 
U   P      OP2    sing N N 194 
U   P      "O5'"  sing N N 195 
U   OP2    HOP2   sing N N 196 
U   "O5'"  "C5'"  sing N N 197 
U   "C5'"  "C4'"  sing N N 198 
U   "C5'"  "H5'"  sing N N 199 
U   "C5'"  "H5''" sing N N 200 
U   "C4'"  "O4'"  sing N N 201 
U   "C4'"  "C3'"  sing N N 202 
U   "C4'"  "H4'"  sing N N 203 
U   "O4'"  "C1'"  sing N N 204 
U   "C3'"  "O3'"  sing N N 205 
U   "C3'"  "C2'"  sing N N 206 
U   "C3'"  "H3'"  sing N N 207 
U   "O3'"  "HO3'" sing N N 208 
U   "C2'"  "O2'"  sing N N 209 
U   "C2'"  "C1'"  sing N N 210 
U   "C2'"  "H2'"  sing N N 211 
U   "O2'"  "HO2'" sing N N 212 
U   "C1'"  N1     sing N N 213 
U   "C1'"  "H1'"  sing N N 214 
U   N1     C2     sing N N 215 
U   N1     C6     sing N N 216 
U   C2     O2     doub N N 217 
U   C2     N3     sing N N 218 
U   N3     C4     sing N N 219 
U   N3     H3     sing N N 220 
U   C4     O4     doub N N 221 
U   C4     C5     sing N N 222 
U   C5     C6     doub N N 223 
U   C5     H5     sing N N 224 
U   C6     H6     sing N N 225 
# 
loop_
_ndb_struct_conf_na.entry_id 
_ndb_struct_conf_na.feature 
9OL0 'a-form double helix'  
9OL0 'mismatched base pair' 
# 
loop_
_ndb_struct_na_base_pair.model_number 
_ndb_struct_na_base_pair.i_label_asym_id 
_ndb_struct_na_base_pair.i_label_comp_id 
_ndb_struct_na_base_pair.i_label_seq_id 
_ndb_struct_na_base_pair.i_symmetry 
_ndb_struct_na_base_pair.j_label_asym_id 
_ndb_struct_na_base_pair.j_label_comp_id 
_ndb_struct_na_base_pair.j_label_seq_id 
_ndb_struct_na_base_pair.j_symmetry 
_ndb_struct_na_base_pair.shear 
_ndb_struct_na_base_pair.stretch 
_ndb_struct_na_base_pair.stagger 
_ndb_struct_na_base_pair.buckle 
_ndb_struct_na_base_pair.propeller 
_ndb_struct_na_base_pair.opening 
_ndb_struct_na_base_pair.pair_number 
_ndb_struct_na_base_pair.pair_name 
_ndb_struct_na_base_pair.i_auth_asym_id 
_ndb_struct_na_base_pair.i_auth_seq_id 
_ndb_struct_na_base_pair.i_PDB_ins_code 
_ndb_struct_na_base_pair.j_auth_asym_id 
_ndb_struct_na_base_pair.j_auth_seq_id 
_ndb_struct_na_base_pair.j_PDB_ins_code 
_ndb_struct_na_base_pair.hbond_type_28 
_ndb_struct_na_base_pair.hbond_type_12 
1 A A   1  1_555 A U   16 6_555 -0.026 -0.102 0.054  0.032  -10.925 -0.411 1  A_A1:U16_A    A 1  ? A 16 ? 20 1 
1 A DI  2  1_555 A RSP 15 6_555 -0.359 -0.176 -0.093 0.651  -16.806 1.620  2  A_DI2:RSP15_A A 2  ? A 15 ? 29 1 
1 A A   3  1_555 A U   14 6_555 0.090  -0.087 0.114  -0.674 -11.578 1.755  3  A_A3:U14_A    A 3  ? A 14 ? 20 1 
1 A G   4  1_555 A C   13 6_555 -0.427 -0.163 -0.123 -1.887 -9.257  -0.535 4  A_G4:C13_A    A 4  ? A 13 ? 19 1 
1 A A   5  1_555 A U   12 6_555 0.041  -0.146 -0.104 -3.372 -7.308  1.160  5  A_A5:U12_A    A 5  ? A 12 ? 20 1 
1 A A   6  1_555 A U   11 6_555 0.179  -0.100 -0.187 -6.180 -11.443 -0.033 6  A_A6:U11_A    A 6  ? A 11 ? 20 1 
1 A G   7  1_555 A C   10 6_555 -0.271 -0.103 -0.028 -4.830 -9.633  1.947  7  A_G7:C10_A    A 7  ? A 10 ? 19 1 
1 A A   8  1_555 A U   9  6_555 0.007  -0.087 0.014  -1.476 -11.026 -0.595 8  A_A8:U9_A     A 8  ? A 9  ? 20 1 
1 A U   9  1_555 A A   8  6_555 -0.007 -0.087 0.014  1.476  -11.026 -0.595 9  A_U9:A8_A     A 9  ? A 8  ? 20 1 
1 A C   10 1_555 A G   7  6_555 0.271  -0.103 -0.028 4.830  -9.633  1.947  10 A_C10:G7_A    A 10 ? A 7  ? 19 1 
1 A U   11 1_555 A A   6  6_555 -0.179 -0.100 -0.187 6.180  -11.443 -0.033 11 A_U11:A6_A    A 11 ? A 6  ? 20 1 
1 A U   12 1_555 A A   5  6_555 -0.041 -0.146 -0.104 3.372  -7.308  1.160  12 A_U12:A5_A    A 12 ? A 5  ? 20 1 
1 A C   13 1_555 A G   4  6_555 0.427  -0.163 -0.123 1.887  -9.257  -0.535 13 A_C13:G4_A    A 13 ? A 4  ? 19 1 
1 A U   14 1_555 A A   3  6_555 -0.090 -0.087 0.114  0.674  -11.578 1.755  14 A_U14:A3_A    A 14 ? A 3  ? 20 1 
1 A RSP 15 1_555 A DI  2  6_555 0.359  -0.176 -0.093 -0.651 -16.806 1.620  15 A_RSP15:DI2_A A 15 ? A 2  ? 29 1 
1 A U   16 1_555 A A   1  6_555 0.026  -0.102 0.054  -0.032 -10.925 -0.411 16 A_U16:A1_A    A 16 ? A 1  ? 20 1 
# 
loop_
_ndb_struct_na_base_pair_step.model_number 
_ndb_struct_na_base_pair_step.i_label_asym_id_1 
_ndb_struct_na_base_pair_step.i_label_comp_id_1 
_ndb_struct_na_base_pair_step.i_label_seq_id_1 
_ndb_struct_na_base_pair_step.i_symmetry_1 
_ndb_struct_na_base_pair_step.j_label_asym_id_1 
_ndb_struct_na_base_pair_step.j_label_comp_id_1 
_ndb_struct_na_base_pair_step.j_label_seq_id_1 
_ndb_struct_na_base_pair_step.j_symmetry_1 
_ndb_struct_na_base_pair_step.i_label_asym_id_2 
_ndb_struct_na_base_pair_step.i_label_comp_id_2 
_ndb_struct_na_base_pair_step.i_label_seq_id_2 
_ndb_struct_na_base_pair_step.i_symmetry_2 
_ndb_struct_na_base_pair_step.j_label_asym_id_2 
_ndb_struct_na_base_pair_step.j_label_comp_id_2 
_ndb_struct_na_base_pair_step.j_label_seq_id_2 
_ndb_struct_na_base_pair_step.j_symmetry_2 
_ndb_struct_na_base_pair_step.shift 
_ndb_struct_na_base_pair_step.slide 
_ndb_struct_na_base_pair_step.rise 
_ndb_struct_na_base_pair_step.tilt 
_ndb_struct_na_base_pair_step.roll 
_ndb_struct_na_base_pair_step.twist 
_ndb_struct_na_base_pair_step.x_displacement 
_ndb_struct_na_base_pair_step.y_displacement 
_ndb_struct_na_base_pair_step.helical_rise 
_ndb_struct_na_base_pair_step.inclination 
_ndb_struct_na_base_pair_step.tip 
_ndb_struct_na_base_pair_step.helical_twist 
_ndb_struct_na_base_pair_step.step_number 
_ndb_struct_na_base_pair_step.step_name 
_ndb_struct_na_base_pair_step.i_auth_asym_id_1 
_ndb_struct_na_base_pair_step.i_auth_seq_id_1 
_ndb_struct_na_base_pair_step.i_PDB_ins_code_1 
_ndb_struct_na_base_pair_step.j_auth_asym_id_1 
_ndb_struct_na_base_pair_step.j_auth_seq_id_1 
_ndb_struct_na_base_pair_step.j_PDB_ins_code_1 
_ndb_struct_na_base_pair_step.i_auth_asym_id_2 
_ndb_struct_na_base_pair_step.i_auth_seq_id_2 
_ndb_struct_na_base_pair_step.i_PDB_ins_code_2 
_ndb_struct_na_base_pair_step.j_auth_asym_id_2 
_ndb_struct_na_base_pair_step.j_auth_seq_id_2 
_ndb_struct_na_base_pair_step.j_PDB_ins_code_2 
1 A A   1  1_555 A U   16 6_555 A DI  2  1_555 A RSP 15 6_555 -0.427 -0.940 3.136 -0.445 6.041  34.039 -2.455 0.655  2.936 10.219 
0.753  34.558 1  AA_A1DI2:RSP15U16_AA A 1  ? A 16 ? A 2  ? A 15 ? 
1 A DI  2  1_555 A RSP 15 6_555 A A   3  1_555 A U   14 6_555 0.473  -1.124 3.229 -1.840 5.977  35.405 -2.637 -1.017 2.979 9.733  
2.996  35.936 2  AA_DI2A3:U14RSP15_AA A 2  ? A 15 ? A 3  ? A 14 ? 
1 A A   3  1_555 A U   14 6_555 A G   4  1_555 A C   13 6_555 -0.347 -1.686 3.261 -0.536 10.661 29.484 -4.957 0.551  2.519 20.135 
1.012  31.317 3  AA_A3G4:C13U14_AA    A 3  ? A 14 ? A 4  ? A 13 ? 
1 A G   4  1_555 A C   13 6_555 A A   5  1_555 A U   12 6_555 0.403  -1.765 3.315 -0.510 11.835 30.657 -4.987 -0.794 2.475 21.408 
0.922  32.815 4  AA_G4A5:U12C13_AA    A 4  ? A 13 ? A 5  ? A 12 ? 
1 A A   5  1_555 A U   12 6_555 A A   6  1_555 A U   11 6_555 0.333  -1.665 3.341 3.647  11.739 33.363 -4.355 -0.042 2.644 19.637 
-6.101 35.496 5  AA_A5A6:U11U12_AA    A 5  ? A 12 ? A 6  ? A 11 ? 
1 A A   6  1_555 A U   11 6_555 A G   7  1_555 A C   10 6_555 0.319  -2.146 3.163 1.192  10.053 25.306 -6.694 -0.425 2.178 21.864 
-2.592 27.225 6  AA_A6G7:C10U11_AA    A 6  ? A 11 ? A 7  ? A 10 ? 
1 A G   7  1_555 A C   10 6_555 A A   8  1_555 A U   9  6_555 -0.676 -1.493 3.123 -1.445 5.615  33.829 -3.343 0.937  2.871 9.563  
2.460  34.308 7  AA_G7A8:U9C10_AA     A 7  ? A 10 ? A 8  ? A 9  ? 
1 A A   8  1_555 A U   9  6_555 A U   9  1_555 A A   8  6_555 0.000  -1.073 3.207 0.000  9.261  30.266 -3.571 0.000  2.766 17.237 
0.000  31.619 8  AA_A8U9:A8U9_AA      A 8  ? A 9  ? A 9  ? A 8  ? 
1 A U   9  1_555 A A   8  6_555 A C   10 1_555 A G   7  6_555 0.676  -1.493 3.123 1.445  5.615  33.829 -3.343 -0.937 2.871 9.563  
-2.460 34.308 9  AA_U9C10:G7A8_AA     A 9  ? A 8  ? A 10 ? A 7  ? 
1 A C   10 1_555 A G   7  6_555 A U   11 1_555 A A   6  6_555 -0.319 -2.146 3.163 -1.192 10.053 25.306 -6.694 0.425  2.178 21.864 
2.592  27.225 10 AA_C10U11:A6G7_AA    A 10 ? A 7  ? A 11 ? A 6  ? 
1 A U   11 1_555 A A   6  6_555 A U   12 1_555 A A   5  6_555 -0.333 -1.665 3.341 -3.647 11.739 33.363 -4.355 0.042  2.644 19.637 
6.101  35.496 11 AA_U11U12:A5A6_AA    A 11 ? A 6  ? A 12 ? A 5  ? 
1 A U   12 1_555 A A   5  6_555 A C   13 1_555 A G   4  6_555 -0.403 -1.765 3.315 0.510  11.835 30.657 -4.987 0.794  2.475 21.408 
-0.922 32.815 12 AA_U12C13:G4A5_AA    A 12 ? A 5  ? A 13 ? A 4  ? 
1 A C   13 1_555 A G   4  6_555 A U   14 1_555 A A   3  6_555 0.347  -1.686 3.261 0.536  10.661 29.484 -4.957 -0.551 2.519 20.135 
-1.012 31.317 13 AA_C13U14:A3G4_AA    A 13 ? A 4  ? A 14 ? A 3  ? 
1 A U   14 1_555 A A   3  6_555 A RSP 15 1_555 A DI  2  6_555 -0.473 -1.124 3.229 1.840  5.977  35.405 -2.637 1.017  2.979 9.733  
-2.996 35.936 14 AA_U14RSP15:DI2A3_AA A 14 ? A 3  ? A 15 ? A 2  ? 
1 A RSP 15 1_555 A DI  2  6_555 A U   16 1_555 A A   1  6_555 0.427  -0.940 3.136 0.445  6.041  34.039 -2.455 -0.655 2.936 10.219 
-0.753 34.558 15 AA_RSP15U16:A1DI2_AA A 15 ? A 2  ? A 16 ? A 1  ? 
# 
loop_
_pdbx_audit_support.funding_organization 
_pdbx_audit_support.country 
_pdbx_audit_support.grant_number 
_pdbx_audit_support.ordinal 
'National Science Foundation (NSF, United States)' 'United States' 2104708 1 
'Howard Hughes Medical Institute (HHMI)'           'United States' ?       2 
# 
_pdbx_initial_refinement_model.id               1 
_pdbx_initial_refinement_model.entity_id_list   ? 
_pdbx_initial_refinement_model.type             'experimental model' 
_pdbx_initial_refinement_model.source_name      PDB 
_pdbx_initial_refinement_model.accession_code   9CSQ 
_pdbx_initial_refinement_model.details          ? 
# 
_atom_sites.entry_id                    9OL0 
_atom_sites.Cartn_transf_matrix[1][1]   ? 
_atom_sites.Cartn_transf_matrix[1][2]   ? 
_atom_sites.Cartn_transf_matrix[1][3]   ? 
_atom_sites.Cartn_transf_matrix[2][1]   ? 
_atom_sites.Cartn_transf_matrix[2][2]   ? 
_atom_sites.Cartn_transf_matrix[2][3]   ? 
_atom_sites.Cartn_transf_matrix[3][1]   ? 
_atom_sites.Cartn_transf_matrix[3][2]   ? 
_atom_sites.Cartn_transf_matrix[3][3]   ? 
_atom_sites.Cartn_transf_vector[1]      ? 
_atom_sites.Cartn_transf_vector[2]      ? 
_atom_sites.Cartn_transf_vector[3]      ? 
_atom_sites.Cartn_transform_axes        ? 
_atom_sites.fract_transf_matrix[1][1]   0.02354890 
_atom_sites.fract_transf_matrix[1][2]   0.01325526 
_atom_sites.fract_transf_matrix[1][3]   0.00719075 
_atom_sites.fract_transf_matrix[2][1]   0.00058944 
_atom_sites.fract_transf_matrix[2][2]   0.01602027 
_atom_sites.fract_transf_matrix[2][3]   0.02291263 
_atom_sites.fract_transf_matrix[3][1]   0.00223756 
_atom_sites.fract_transf_matrix[3][2]   -0.00635403 
_atom_sites.fract_transf_matrix[3][3]   0.00438510 
_atom_sites.fract_transf_vector[1]      -0.029714 
_atom_sites.fract_transf_vector[2]      -0.437149 
_atom_sites.fract_transf_vector[3]      0.015565 
_atom_sites.solution_primary            ? 
_atom_sites.solution_secondary          ? 
_atom_sites.solution_hydrogens          ? 
_atom_sites.special_details             ? 
# 
loop_
_atom_type.symbol 
_atom_type.pdbx_scat_Z 
_atom_type.pdbx_N_electrons 
_atom_type.scat_Cromer_Mann_a1 
_atom_type.scat_Cromer_Mann_b1 
_atom_type.scat_Cromer_Mann_a2 
_atom_type.scat_Cromer_Mann_b2 
_atom_type.scat_Cromer_Mann_a3 
_atom_type.scat_Cromer_Mann_b3 
_atom_type.scat_Cromer_Mann_a4 
_atom_type.scat_Cromer_Mann_b4 
_atom_type.scat_Cromer_Mann_c 
C  6  6  2.3103  20.8439 1.0201 10.2075 1.5888 0.5687  0.8651 51.6512 0.2156   
H  1  1  0.4930  10.5109 0.3229 26.1257 0.1402 3.1424  0.0408 57.7997 0.0030   
MG 12 12 5.4265  2.8275  2.1759 79.2611 1.2283 0.3808  2.3099 7.1937  0.9382   
N  7  7  12.2220 0.0057  3.1346 9.8933  2.0141 28.9975 1.1672 0.5826  -11.5379 
O  8  8  3.0487  13.2771 2.2870 5.7011  1.5464 0.3239  0.8671 32.9089 0.2508   
P  15 15 6.4348  1.9067  4.1793 27.1570 1.7801 0.5260  1.4909 68.1645 1.2732   
S  16 16 6.9054  1.4679  5.2035 22.2151 1.4379 0.2536  1.5863 56.1720 1.0555   
# 
loop_
_atom_site.group_PDB 
_atom_site.id 
_atom_site.type_symbol 
_atom_site.label_atom_id 
_atom_site.label_alt_id 
_atom_site.label_comp_id 
_atom_site.label_asym_id 
_atom_site.label_entity_id 
_atom_site.label_seq_id 
_atom_site.pdbx_PDB_ins_code 
_atom_site.Cartn_x 
_atom_site.Cartn_y 
_atom_site.Cartn_z 
_atom_site.occupancy 
_atom_site.B_iso_or_equiv 
_atom_site.pdbx_formal_charge 
_atom_site.auth_seq_id 
_atom_site.auth_comp_id 
_atom_site.auth_asym_id 
_atom_site.auth_atom_id 
_atom_site.pdbx_PDB_model_num 
_atom_site.calc_flag 
ATOM   1   O  "O5'" . A   A 1 1  ? -11.10974 14.42819  -6.22698  1.000 29.80597 ? 1   A   A "O5'" 1 ? 
ATOM   2   C  "C5'" . A   A 1 1  ? -12.28774 13.65082  -6.38872  1.000 23.43977 ? 1   A   A "C5'" 1 ? 
ATOM   3   C  "C4'" . A   A 1 1  ? -12.53488 13.26110  -7.82661  1.000 21.64093 ? 1   A   A "C4'" 1 ? 
ATOM   4   O  "O4'" . A   A 1 1  ? -12.45366 14.41412  -8.69896  1.000 18.99984 ? 1   A   A "O4'" 1 ? 
ATOM   5   C  "C3'" . A   A 1 1  ? -11.55353 12.26341  -8.42904  1.000 19.82753 ? 1   A   A "C3'" 1 ? 
ATOM   6   O  "O3'" . A   A 1 1  ? -11.94473 10.95002  -8.15182  1.000 21.26833 ? 1   A   A "O3'" 1 ? 
ATOM   7   C  "C2'" . A   A 1 1  ? -11.62911 12.54993  -9.90791  1.000 19.57872 ? 1   A   A "C2'" 1 ? 
ATOM   8   O  "O2'" . A   A 1 1  ? -12.82639 11.98976  -10.42911 1.000 21.03565 ? 1   A   A "O2'" 1 ? 
ATOM   9   C  "C1'" . A   A 1 1  ? -11.77646 14.05522  -9.89906  1.000 16.62512 ? 1   A   A "C1'" 1 ? 
ATOM   10  N  N9    . A   A 1 1  ? -10.52177 14.81300  -9.92791  1.000 17.43422 ? 1   A   A N9    1 ? 
ATOM   11  C  C8    . A   A 1 1  ? -10.00329 15.56928  -8.91979  1.000 18.36519 ? 1   A   A C8    1 ? 
ATOM   12  N  N7    . A   A 1 1  ? -8.92651  16.23114  -9.24173  1.000 17.31287 ? 1   A   A N7    1 ? 
ATOM   13  C  C5    . A   A 1 1  ? -8.74160  15.89903  -10.58929 1.000 14.93737 ? 1   A   A C5    1 ? 
ATOM   14  C  C6    . A   A 1 1  ? -7.77696  16.27480  -11.54047 1.000 12.98577 ? 1   A   A C6    1 ? 
ATOM   15  N  N6    . A   A 1 1  ? -6.80856  17.10856  -11.28944 1.000 16.62229 ? 1   A   A N6    1 ? 
ATOM   16  N  N1    . A   A 1 1  ? -7.92016  15.77063  -12.79331 1.000 14.38364 ? 1   A   A N1    1 ? 
ATOM   17  C  C2    . A   A 1 1  ? -8.90045  14.91979  -13.07513 1.000 15.47527 ? 1   A   A C2    1 ? 
ATOM   18  N  N3    . A   A 1 1  ? -9.87635  14.51250  -12.24992 1.000 15.70143 ? 1   A   A N3    1 ? 
ATOM   19  C  C4    . A   A 1 1  ? -9.71081  15.03187  -11.02449 1.000 14.11137 ? 1   A   A C4    1 ? 
ATOM   20  P  P     . DI  A 1 2  ? -10.86563 9.77870   -7.95980  1.000 20.41673 ? 2   DI  A P     1 ? 
ATOM   21  O  OP1   . DI  A 1 2  ? -11.55000 8.56029   -7.38199  1.000 23.12922 ? 2   DI  A OP1   1 ? 
ATOM   22  O  OP2   . DI  A 1 2  ? -9.72756  10.30967  -7.16665  1.000 21.83856 ? 2   DI  A OP2   1 ? 
ATOM   23  O  "O5'" . DI  A 1 2  ? -10.35003 9.43039   -9.47747  1.000 20.89711 ? 2   DI  A "O5'" 1 ? 
ATOM   24  C  "C5'" . DI  A 1 2  ? -11.16286 8.74340   -10.36675 1.000 21.13675 ? 2   DI  A "C5'" 1 ? 
ATOM   25  C  "C4'" . DI  A 1 2  ? -10.53157 8.81181   -11.77579 1.000 19.28865 ? 2   DI  A "C4'" 1 ? 
ATOM   26  O  "O4'" . DI  A 1 2  ? -10.39687 10.04974  -12.17301 1.000 19.55089 ? 2   DI  A "O4'" 1 ? 
ATOM   27  C  "C3'" . DI  A 1 2  ? -9.06550  8.22451   -11.75498 1.000 20.85551 ? 2   DI  A "C3'" 1 ? 
ATOM   28  O  "O3'" . DI  A 1 2  ? -9.06254  6.86031   -11.78622 1.000 19.87547 ? 2   DI  A "O3'" 1 ? 
ATOM   29  C  "C2'" . DI  A 1 2  ? -8.56340  8.83337   -13.01537 1.000 19.82766 ? 2   DI  A "C2'" 1 ? 
ATOM   30  C  "C1'" . DI  A 1 2  ? -9.14203  10.22228  -12.85615 1.000 19.39595 ? 2   DI  A "C1'" 1 ? 
ATOM   31  N  N9    . DI  A 1 2  ? -8.31972  11.15219  -12.16031 1.000 16.75609 ? 2   DI  A N9    1 ? 
ATOM   32  C  C8    . DI  A 1 2  ? -8.45850  11.49653  -10.86179 1.000 17.27084 ? 2   DI  A C8    1 ? 
ATOM   33  N  N7    . DI  A 1 2  ? -7.55611  12.42613  -10.52371 1.000 16.10888 ? 2   DI  A N7    1 ? 
ATOM   34  C  C5    . DI  A 1 2  ? -6.83638  12.66937  -11.62721 1.000 15.87645 ? 2   DI  A C5    1 ? 
ATOM   35  C  C6    . DI  A 1 2  ? -5.68424  13.59798  -11.86101 1.000 13.19016 ? 2   DI  A C6    1 ? 
ATOM   36  O  O6    . DI  A 1 2  ? -5.22080  14.34481  -11.08896 1.000 16.27934 ? 2   DI  A O6    1 ? 
ATOM   37  N  N1    . DI  A 1 2  ? -5.20408  13.53675  -13.20008 1.000 14.43251 ? 2   DI  A N1    1 ? 
ATOM   38  C  C2    . DI  A 1 2  ? -5.68023  12.71374  -14.22460 1.000 15.47028 ? 2   DI  A C2    1 ? 
ATOM   39  N  N3    . DI  A 1 2  ? -6.76729  11.84372  -13.98652 1.000 14.70340 ? 2   DI  A N3    1 ? 
ATOM   40  C  C4    . DI  A 1 2  ? -7.30487  11.87945  -12.63293 1.000 15.10262 ? 2   DI  A C4    1 ? 
ATOM   41  P  P     . A   A 1 3  ? -7.84863  6.02807   -11.14400 1.000 20.66269 ? 3   A   A P     1 ? 
ATOM   42  O  OP1   . A   A 1 3  ? -8.18111  4.59220   -11.28174 1.000 22.92865 ? 3   A   A OP1   1 ? 
ATOM   43  O  OP2   . A   A 1 3  ? -7.46680  6.53507   -9.83890  1.000 21.24352 ? 3   A   A OP2   1 ? 
ATOM   44  O  "O5'" . A   A 1 3  ? -6.60436  6.42686   -12.06160 1.000 18.19723 ? 3   A   A "O5'" 1 ? 
ATOM   45  C  "C5'" . A   A 1 3  ? -6.53124  5.99970   -13.40079 1.000 16.64596 ? 3   A   A "C5'" 1 ? 
ATOM   46  C  "C4'" . A   A 1 3  ? -5.36068  6.65994   -14.07724 1.000 16.79537 ? 3   A   A "C4'" 1 ? 
ATOM   47  O  "O4'" . A   A 1 3  ? -5.54751  8.09305   -14.07648 1.000 16.35091 ? 3   A   A "O4'" 1 ? 
ATOM   48  C  "C3'" . A   A 1 3  ? -4.02194  6.49693   -13.38632 1.000 15.52697 ? 3   A   A "C3'" 1 ? 
ATOM   49  O  "O3'" . A   A 1 3  ? -3.45835  5.22596   -13.62754 1.000 15.92876 ? 3   A   A "O3'" 1 ? 
ATOM   50  C  "C2'" . A   A 1 3  ? -3.21771  7.63773   -13.97715 1.000 15.49041 ? 3   A   A "C2'" 1 ? 
ATOM   51  O  "O2'" . A   A 1 3  ? -2.84640  7.33039   -15.30796 1.000 17.96793 ? 3   A   A "O2'" 1 ? 
ATOM   52  C  "C1'" . A   A 1 3  ? -4.28246  8.73939   -13.99419 1.000 14.29852 ? 3   A   A "C1'" 1 ? 
ATOM   53  N  N9    . A   A 1 3  ? -4.25798  9.51401   -12.75199 1.000 13.92691 ? 3   A   A N9    1 ? 
ATOM   54  C  C8    . A   A 1 3  ? -5.05494  9.39140   -11.64619 1.000 14.34210 ? 3   A   A C8    1 ? 
ATOM   55  N  N7    . A   A 1 3  ? -4.77474  10.25958  -10.70709 1.000 14.02384 ? 3   A   A N7    1 ? 
ATOM   56  C  C5    . A   A 1 3  ? -3.69375  10.99141  -11.20816 1.000 12.44089 ? 3   A   A C5    1 ? 
ATOM   57  C  C6    . A   A 1 3  ? -2.94805  12.06375  -10.67719 1.000 12.95036 ? 3   A   A C6    1 ? 
ATOM   58  N  N6    . A   A 1 3  ? -3.17143  12.59772  -9.48030  1.000 13.65034 ? 3   A   A N6    1 ? 
ATOM   59  N  N1    . A   A 1 3  ? -1.97064  12.55197  -11.50879 1.000 12.60385 ? 3   A   A N1    1 ? 
ATOM   60  C  C2    . A   A 1 3  ? -1.73729  12.01066  -12.71470 1.000 13.96388 ? 3   A   A C2    1 ? 
ATOM   61  N  N3    . A   A 1 3  ? -2.40582  10.99508  -13.28358 1.000 13.25541 ? 3   A   A N3    1 ? 
ATOM   62  C  C4    . A   A 1 3  ? -3.37043  10.54254  -12.47365 1.000 12.89177 ? 3   A   A C4    1 ? 
ATOM   63  P  P     . G   A 1 4  ? -2.45290  4.58438   -12.55768 1.000 17.06419 ? 4   G   A P     1 ? 
ATOM   64  O  OP1   . G   A 1 4  ? -2.21118  3.18464   -13.03915 1.000 20.98512 ? 4   G   A OP1   1 ? 
ATOM   65  O  OP2   . G   A 1 4  ? -2.94407  4.78970   -11.19808 1.000 19.45752 ? 4   G   A OP2   1 ? 
ATOM   66  O  "O5'" . G   A 1 4  ? -1.12466  5.44537   -12.70509 1.000 16.29497 ? 4   G   A "O5'" 1 ? 
ATOM   67  C  "C5'" . G   A 1 4  ? -0.36003  5.34273   -13.89097 1.000 15.78845 ? 4   G   A "C5'" 1 ? 
ATOM   68  C  "C4'" . G   A 1 4  ? 0.79865   6.30776   -13.90057 1.000 14.27286 ? 4   G   A "C4'" 1 ? 
ATOM   69  O  "O4'" . G   A 1 4  ? 0.33884   7.67938   -13.92172 1.000 16.51899 ? 4   G   A "O4'" 1 ? 
ATOM   70  C  "C3'" . G   A 1 4  ? 1.70646   6.28049   -12.68990 1.000 16.64831 ? 4   G   A "C3'" 1 ? 
ATOM   71  O  "O3'" . G   A 1 4  ? 2.52624   5.14071   -12.65839 1.000 17.95772 ? 4   G   A "O3'" 1 ? 
ATOM   72  C  "C2'" . G   A 1 4  ? 2.44583   7.59647   -12.83325 1.000 17.00675 ? 4   G   A "C2'" 1 ? 
ATOM   73  O  "O2'" . G   A 1 4  ? 3.36357   7.54893   -13.91171 1.000 19.47752 ? 4   G   A "O2'" 1 ? 
ATOM   74  C  "C1'" . G   A 1 4  ? 1.28595   8.49562   -13.24292 1.000 15.46490 ? 4   G   A "C1'" 1 ? 
ATOM   75  N  N9    . G   A 1 4  ? 0.61795   9.02634   -12.05746 1.000 14.02101 ? 4   G   A N9    1 ? 
ATOM   76  C  C8    . G   A 1 4  ? -0.49743  8.56144   -11.46640 1.000 15.24645 ? 4   G   A C8    1 ? 
ATOM   77  N  N7    . G   A 1 4  ? -0.88199  9.21450   -10.41633 1.000 15.32150 ? 4   G   A N7    1 ? 
ATOM   78  C  C5    . G   A 1 4  ? 0.10801   10.18496  -10.28402 1.000 12.51239 ? 4   G   A C5    1 ? 
ATOM   79  C  C6    . G   A 1 4  ? 0.28765   11.22359  -9.31848  1.000 15.33051 ? 4   G   A C6    1 ? 
ATOM   80  O  O6    . G   A 1 4  ? -0.45015  11.48700  -8.35885  1.000 14.91030 ? 4   G   A O6    1 ? 
ATOM   81  N  N1    . G   A 1 4  ? 1.43347   11.95635  -9.57385  1.000 13.61472 ? 4   G   A N1    1 ? 
ATOM   82  C  C2    . G   A 1 4  ? 2.31845   11.76190  -10.59847 1.000 15.59838 ? 4   G   A C2    1 ? 
ATOM   83  N  N2    . G   A 1 4  ? 3.39908   12.55606  -10.68831 1.000 16.03108 ? 4   G   A N2    1 ? 
ATOM   84  N  N3    . G   A 1 4  ? 2.15022   10.80989  -11.51025 1.000 15.70491 ? 4   G   A N3    1 ? 
ATOM   85  C  C4    . G   A 1 4  ? 1.04591   10.08263  -11.28090 1.000 13.95898 ? 4   G   A C4    1 ? 
ATOM   86  P  P     . A   A 1 5  ? 2.91724   4.46206   -11.26552 1.000 19.82734 ? 5   A   A P     1 ? 
ATOM   87  O  OP1   . A   A 1 5  ? 3.73339   3.27349   -11.62035 1.000 23.21047 ? 5   A   A OP1   1 ? 
ATOM   88  O  OP2   . A   A 1 5  ? 1.75295   4.33949   -10.38588 1.000 21.48721 ? 5   A   A OP2   1 ? 
ATOM   89  O  "O5'" . A   A 1 5  ? 3.84022   5.55338   -10.61295 1.000 19.25306 ? 5   A   A "O5'" 1 ? 
ATOM   90  C  "C5'" . A   A 1 5  ? 5.09659   5.88138   -11.20324 1.000 19.14535 ? 5   A   A "C5'" 1 ? 
ATOM   91  C  "C4'" . A   A 1 5  ? 5.77976   7.00455   -10.45548 1.000 17.25601 ? 5   A   A "C4'" 1 ? 
ATOM   92  O  "O4'" . A   A 1 5  ? 4.99913   8.21727   -10.50815 1.000 18.67474 ? 5   A   A "O4'" 1 ? 
ATOM   93  C  "C3'" . A   A 1 5  ? 5.95277   6.76793   -8.96660  1.000 18.66224 ? 5   A   A "C3'" 1 ? 
ATOM   94  O  "O3'" . A   A 1 5  ? 7.02528   5.90964   -8.67285  1.000 20.72937 ? 5   A   A "O3'" 1 ? 
ATOM   95  C  "C2'" . A   A 1 5  ? 6.13771   8.16967   -8.42494  1.000 19.26675 ? 5   A   A "C2'" 1 ? 
ATOM   96  O  "O2'" . A   A 1 5  ? 7.44753   8.65399   -8.68789  1.000 24.38606 ? 5   A   A "O2'" 1 ? 
ATOM   97  C  "C1'" . A   A 1 5  ? 5.15264   8.93965   -9.29413  1.000 18.36501 ? 5   A   A "C1'" 1 ? 
ATOM   98  N  N9    . A   A 1 5  ? 3.84941   9.01541   -8.61084  1.000 18.05547 ? 5   A   A N9    1 ? 
ATOM   99  C  C8    . A   A 1 5  ? 2.72684   8.23555   -8.76265  1.000 16.93099 ? 5   A   A C8    1 ? 
ATOM   100 N  N7    . A   A 1 5  ? 1.77229   8.55337   -7.92780  1.000 16.70413 ? 5   A   A N7    1 ? 
ATOM   101 C  C5    . A   A 1 5  ? 2.32051   9.60101   -7.19293  1.000 16.27451 ? 5   A   A C5    1 ? 
ATOM   102 C  C6    . A   A 1 5  ? 1.80809   10.38367  -6.14041  1.000 18.12187 ? 5   A   A C6    1 ? 
ATOM   103 N  N6    . A   A 1 5  ? 0.57931   10.24442  -5.66053  1.000 19.97418 ? 5   A   A N6    1 ? 
ATOM   104 N  N1    . A   A 1 5  ? 2.62518   11.32171  -5.61566  1.000 15.99081 ? 5   A   A N1    1 ? 
ATOM   105 C  C2    . A   A 1 5  ? 3.85786   11.46261  -6.11321  1.000 20.57884 ? 5   A   A C2    1 ? 
ATOM   106 N  N3    . A   A 1 5  ? 4.44647   10.78487  -7.08795  1.000 18.84982 ? 5   A   A N3    1 ? 
ATOM   107 C  C4    . A   A 1 5  ? 3.60390   9.87888   -7.59310  1.000 17.76804 ? 5   A   A C4    1 ? 
ATOM   108 P  P     . A   A 1 6  ? 6.91404   4.93829   -7.40825  1.000 22.62624 ? 6   A   A P     1 ? 
ATOM   109 O  OP1   . A   A 1 6  ? 8.04315   3.97326   -7.56068  1.000 23.54480 ? 6   A   A OP1   1 ? 
ATOM   110 O  OP2   . A   A 1 6  ? 5.58540   4.38668   -7.19765  1.000 22.86394 ? 6   A   A OP2   1 ? 
ATOM   111 O  "O5'" . A   A 1 6  ? 7.16670   5.84703   -6.11762  1.000 19.51518 ? 6   A   A "O5'" 1 ? 
ATOM   112 C  "C5'" . A   A 1 6  ? 8.41464   6.47735   -5.94213  1.000 19.83171 ? 6   A   A "C5'" 1 ? 
ATOM   113 C  "C4'" . A   A 1 6  ? 8.36468   7.52185   -4.86134  1.000 18.87191 ? 6   A   A "C4'" 1 ? 
ATOM   114 O  "O4'" . A   A 1 6  ? 7.40720   8.54315   -5.20110  1.000 18.21894 ? 6   A   A "O4'" 1 ? 
ATOM   115 C  "C3'" . A   A 1 6  ? 7.91951   7.08242   -3.49095  1.000 23.82958 ? 6   A   A "C3'" 1 ? 
ATOM   116 O  "O3'" . A   A 1 6  ? 8.90565   6.36169   -2.81196  1.000 25.40732 ? 6   A   A "O3'" 1 ? 
ATOM   117 C  "C2'" . A   A 1 6  ? 7.55953   8.41295   -2.84232  1.000 18.17761 ? 6   A   A "C2'" 1 ? 
ATOM   118 O  "O2'" . A   A 1 6  ? 8.72843   9.16906   -2.59335  1.000 20.48128 ? 6   A   A "O2'" 1 ? 
ATOM   119 C  "C1'" . A   A 1 6  ? 6.82721   9.06573   -4.01390  1.000 20.41473 ? 6   A   A "C1'" 1 ? 
ATOM   120 N  N9    . A   A 1 6  ? 5.38926   8.70952   -4.00955  1.000 17.51540 ? 6   A   A N9    1 ? 
ATOM   121 C  C8    . A   A 1 6  ? 4.72855   7.77643   -4.75609  1.000 17.48714 ? 6   A   A C8    1 ? 
ATOM   122 N  N7    . A   A 1 6  ? 3.43055   7.65866   -4.53113  1.000 20.01506 ? 6   A   A N7    1 ? 
ATOM   123 C  C5    . A   A 1 6  ? 3.24292   8.61539   -3.53495  1.000 18.77826 ? 6   A   A C5    1 ? 
ATOM   124 C  C6    . A   A 1 6  ? 2.10332   9.06031   -2.81491  1.000 19.11664 ? 6   A   A C6    1 ? 
ATOM   125 N  N6    . A   A 1 6  ? 0.88120   8.56214   -2.97425  1.000 19.76016 ? 6   A   A N6    1 ? 
ATOM   126 N  N1    . A   A 1 6  ? 2.30430   10.03075  -1.89582  1.000 16.49482 ? 6   A   A N1    1 ? 
ATOM   127 C  C2    . A   A 1 6  ? 3.50300   10.55260  -1.70265  1.000 19.64974 ? 6   A   A C2    1 ? 
ATOM   128 N  N3    . A   A 1 6  ? 4.63268   10.23524  -2.32415  1.000 20.39493 ? 6   A   A N3    1 ? 
ATOM   129 C  C4    . A   A 1 6  ? 4.41771   9.26887   -3.21165  1.000 20.13369 ? 6   A   A C4    1 ? 
ATOM   130 P  P     . G   A 1 7  ? 8.47476   5.19527   -1.80813  1.000 27.07553 ? 7   G   A P     1 ? 
ATOM   131 O  OP1   . G   A 1 7  ? 9.79007   4.70127   -1.33651  1.000 32.71427 ? 7   G   A OP1   1 ? 
ATOM   132 O  OP2   . G   A 1 7  ? 7.48124   4.29504   -2.40412  1.000 33.97700 ? 7   G   A OP2   1 ? 
ATOM   133 O  "O5'" . G   A 1 7  ? 7.72730   5.91426   -0.58076  1.000 25.76410 ? 7   G   A "O5'" 1 ? 
ATOM   134 C  "C5'" . G   A 1 7  ? 8.47839   6.60278   0.38877   1.000 25.98606 ? 7   G   A "C5'" 1 ? 
ATOM   135 C  "C4'" . G   A 1 7  ? 7.61710   7.45578   1.27458   1.000 16.44320 ? 7   G   A "C4'" 1 ? 
ATOM   136 O  "O4'" . G   A 1 7  ? 6.67742   8.23902   0.51061   1.000 17.97347 ? 7   G   A "O4'" 1 ? 
ATOM   137 C  "C3'" . G   A 1 7  ? 6.74441   6.78598   2.31693   1.000 17.90232 ? 7   G   A "C3'" 1 ? 
ATOM   138 O  "O3'" . G   A 1 7  ? 7.51205   6.30063   3.39453   1.000 16.74528 ? 7   G   A "O3'" 1 ? 
ATOM   139 C  "C2'" . G   A 1 7  ? 5.85961   7.94310   2.70936   1.000 16.11250 ? 7   G   A "C2'" 1 ? 
ATOM   140 O  "O2'" . G   A 1 7  ? 6.65087   8.89167   3.42284   1.000 17.38739 ? 7   G   A "O2'" 1 ? 
ATOM   141 C  "C1'" . G   A 1 7  ? 5.55947   8.52752   1.33431   1.000 16.30861 ? 7   G   A "C1'" 1 ? 
ATOM   142 N  N9    . G   A 1 7  ? 4.35553   7.92938   0.73286   1.000 16.09617 ? 7   G   A N9    1 ? 
ATOM   143 C  C8    . G   A 1 7  ? 4.27861   7.05809   -0.32214  1.000 16.17959 ? 7   G   A C8    1 ? 
ATOM   144 N  N7    . G   A 1 7  ? 3.05048   6.73279   -0.64224  1.000 15.76919 ? 7   G   A N7    1 ? 
ATOM   145 C  C5    . G   A 1 7  ? 2.28496   7.46393   0.27777   1.000 14.48574 ? 7   G   A C5    1 ? 
ATOM   146 C  C6    . G   A 1 7  ? 0.86563   7.53369   0.41705   1.000 16.51237 ? 7   G   A C6    1 ? 
ATOM   147 O  O6    . G   A 1 7  ? -0.01617  6.94976   -0.25219  1.000 18.21557 ? 7   G   A O6    1 ? 
ATOM   148 N  N1    . G   A 1 7  ? 0.50341   8.38609   1.45196   1.000 14.20041 ? 7   G   A N1    1 ? 
ATOM   149 C  C2    . G   A 1 7  ? 1.35955   9.06326   2.24380   1.000 15.72664 ? 7   G   A C2    1 ? 
ATOM   150 N  N2    . G   A 1 7  ? 0.80340   9.81069   3.19707   1.000 16.86871 ? 7   G   A N2    1 ? 
ATOM   151 N  N3    . G   A 1 7  ? 2.67070   9.01405   2.10586   1.000 16.58607 ? 7   G   A N3    1 ? 
ATOM   152 C  C4    . G   A 1 7  ? 3.05644   8.19879   1.12077   1.000 14.54022 ? 7   G   A C4    1 ? 
ATOM   153 P  P     . A   A 1 8  ? 6.94901   5.19135   4.40463   1.000 18.23715 ? 8   A   A P     1 ? 
ATOM   154 O  OP1   . A   A 1 8  ? 8.09525   4.77449   5.25678   1.000 21.03787 ? 8   A   A OP1   1 ? 
ATOM   155 O  OP2   . A   A 1 8  ? 6.21103   4.14237   3.66844   1.000 21.26285 ? 8   A   A OP2   1 ? 
ATOM   156 O  "O5'" . A   A 1 8  ? 5.85234   5.93652   5.27397   1.000 18.88365 ? 8   A   A "O5'" 1 ? 
ATOM   157 C  "C5'" . A   A 1 8  ? 6.23282   6.96335   6.16785   1.000 20.86062 ? 8   A   A "C5'" 1 ? 
ATOM   158 C  "C4'" . A   A 1 8  ? 5.02806   7.51298   6.86716   1.000 16.97790 ? 8   A   A "C4'" 1 ? 
ATOM   159 O  "O4'" . A   A 1 8  ? 4.13449   8.10136   5.89703   1.000 18.36872 ? 8   A   A "O4'" 1 ? 
ATOM   160 C  "C3'" . A   A 1 8  ? 4.16242   6.48745   7.57483   1.000 18.21120 ? 8   A   A "C3'" 1 ? 
ATOM   161 O  "O3'" . A   A 1 8  ? 4.69682   6.15345   8.83788   1.000 18.65542 ? 8   A   A "O3'" 1 ? 
ATOM   162 C  "C2'" . A   A 1 8  ? 2.82806   7.18983   7.65111   1.000 18.98848 ? 8   A   A "C2'" 1 ? 
ATOM   163 O  "O2'" . A   A 1 8  ? 2.87422   8.21607   8.63937   1.000 20.45452 ? 8   A   A "O2'" 1 ? 
ATOM   164 C  "C1'" . A   A 1 8  ? 2.78982   7.85899   6.28422   1.000 17.34647 ? 8   A   A "C1'" 1 ? 
ATOM   165 N  N9    . A   A 1 8  ? 2.18147   7.02930   5.22688   1.000 15.03036 ? 8   A   A N9    1 ? 
ATOM   166 C  C8    . A   A 1 8  ? 2.83835   6.30032   4.25930   1.000 17.79566 ? 8   A   A C8    1 ? 
ATOM   167 N  N7    . A   A 1 8  ? 2.05962   5.69614   3.38675   1.000 16.68256 ? 8   A   A N7    1 ? 
ATOM   168 C  C5    . A   A 1 8  ? 0.80549   6.05770   3.82393   1.000 15.93719 ? 8   A   A C5    1 ? 
ATOM   169 C  C6    . A   A 1 8  ? -0.46912  5.77159   3.33935   1.000 15.04459 ? 8   A   A C6    1 ? 
ATOM   170 N  N6    . A   A 1 8  ? -0.73628  5.02833   2.27452   1.000 16.94009 ? 8   A   A N6    1 ? 
ATOM   171 N  N1    . A   A 1 8  ? -1.51839  6.27696   4.00549   1.000 17.06976 ? 8   A   A N1    1 ? 
ATOM   172 C  C2    . A   A 1 8  ? -1.32050  7.04625   5.06989   1.000 16.53374 ? 8   A   A C2    1 ? 
ATOM   173 N  N3    . A   A 1 8  ? -0.16562  7.41422   5.62970   1.000 17.72856 ? 8   A   A N3    1 ? 
ATOM   174 C  C4    . A   A 1 8  ? 0.85811   6.88612   4.94068   1.000 14.79406 ? 8   A   A C4    1 ? 
ATOM   175 P  P     . U   A 1 9  ? 4.62190   4.65506   9.38325   1.000 21.57205 ? 9   U   A P     1 ? 
ATOM   176 O  OP1   . U   A 1 9  ? 5.46070   4.64069   10.60849  1.000 21.87074 ? 9   U   A OP1   1 ? 
ATOM   177 O  OP2   . U   A 1 9  ? 4.80482   3.64545   8.33394   1.000 21.24005 ? 9   U   A OP2   1 ? 
ATOM   178 O  "O5'" . U   A 1 9  ? 3.12568   4.47137   9.83255   1.000 20.90400 ? 9   U   A "O5'" 1 ? 
ATOM   179 C  "C5'" . U   A 1 9  ? 2.59775   5.21938   10.90931  1.000 21.97704 ? 9   U   A "C5'" 1 ? 
ATOM   180 C  "C4'" . U   A 1 9  ? 1.09771   5.15455   10.89034  1.000 22.08828 ? 9   U   A "C4'" 1 ? 
ATOM   181 O  "O4'" . U   A 1 9  ? 0.58291   5.74579   9.66864   1.000 21.87348 ? 9   U   A "O4'" 1 ? 
ATOM   182 C  "C3'" . U   A 1 9  ? 0.50111   3.76314   10.87394  1.000 23.74035 ? 9   U   A "C3'" 1 ? 
ATOM   183 O  "O3'" . U   A 1 9  ? 0.56167   3.12034   12.13073  1.000 24.48931 ? 9   U   A "O3'" 1 ? 
ATOM   184 C  "C2'" . U   A 1 9  ? -0.90270  4.04799   10.37348  1.000 21.94626 ? 9   U   A "C2'" 1 ? 
ATOM   185 O  "O2'" . U   A 1 9  ? -1.65411  4.71070   11.37677  1.000 25.19980 ? 9   U   A "O2'" 1 ? 
ATOM   186 C  "C1'" . U   A 1 9  ? -0.60130  5.06937   9.28004   1.000 19.21319 ? 9   U   A "C1'" 1 ? 
ATOM   187 N  N1    . U   A 1 9  ? -0.37042  4.41657   7.96292   1.000 18.06271 ? 9   U   A N1    1 ? 
ATOM   188 C  C2    . U   A 1 9  ? -1.49024  4.09100   7.23016   1.000 21.14344 ? 9   U   A C2    1 ? 
ATOM   189 O  O2    . U   A 1 9  ? -2.62573  4.29586   7.63801   1.000 21.27842 ? 9   U   A O2    1 ? 
ATOM   190 N  N3    . U   A 1 9  ? -1.25054  3.49292   6.02039   1.000 19.61518 ? 9   U   A N3    1 ? 
ATOM   191 C  C4    . U   A 1 9  ? -0.02181  3.20042   5.45825   1.000 17.62487 ? 9   U   A C4    1 ? 
ATOM   192 O  O4    . U   A 1 9  ? 0.03016   2.67654   4.34939   1.000 18.76072 ? 9   U   A O4    1 ? 
ATOM   193 C  C5    . U   A 1 9  ? 1.10641   3.55095   6.25886   1.000 17.37780 ? 9   U   A C5    1 ? 
ATOM   194 C  C6    . U   A 1 9  ? 0.87693   4.13162   7.44267   1.000 17.34371 ? 9   U   A C6    1 ? 
ATOM   195 P  P     . C   A 1 10 ? 0.70984   1.52737   12.22140  1.000 25.36792 ? 10  C   A P     1 ? 
ATOM   196 O  OP1   . C   A 1 10 ? 0.92846   1.19293   13.66078  1.000 31.34788 ? 10  C   A OP1   1 ? 
ATOM   197 O  OP2   . C   A 1 10 ? 1.69136   1.06705   11.20034  1.000 31.42715 ? 10  C   A OP2   1 ? 
ATOM   198 O  "O5'" . C   A 1 10 ? -0.71590  0.96633   11.77053  1.000 23.72651 ? 10  C   A "O5'" 1 ? 
ATOM   199 C  "C5'" . C   A 1 10 ? -1.90137  1.28784   12.48081  1.000 24.88038 ? 10  C   A "C5'" 1 ? 
ATOM   200 C  "C4'" . C   A 1 10 ? -3.13569  0.93909   11.67364  1.000 20.43109 ? 10  C   A "C4'" 1 ? 
ATOM   201 O  "O4'" . C   A 1 10 ? -3.14669  1.68722   10.42462  1.000 20.83237 ? 10  C   A "O4'" 1 ? 
ATOM   202 C  "C3'" . C   A 1 10 ? -3.27870  -0.50078  11.21610  1.000 20.60444 ? 10  C   A "C3'" 1 ? 
ATOM   203 O  "O3'" . C   A 1 10 ? -3.66342  -1.39572  12.25133  1.000 24.04588 ? 10  C   A "O3'" 1 ? 
ATOM   204 C  "C2'" . C   A 1 10 ? -4.28551  -0.35874  10.08556  1.000 22.06688 ? 10  C   A "C2'" 1 ? 
ATOM   205 O  "O2'" . C   A 1 10 ? -5.57250  -0.08281  10.59959  1.000 23.65358 ? 10  C   A "O2'" 1 ? 
ATOM   206 C  "C1'" . C   A 1 10 ? -3.78169  0.91597   9.41884   1.000 18.70408 ? 10  C   A "C1'" 1 ? 
ATOM   207 N  N1    . C   A 1 10 ? -2.79694  0.62421   8.34883   1.000 18.00928 ? 10  C   A N1    1 ? 
ATOM   208 C  C2    . C   A 1 10 ? -3.29719  0.22766   7.09217   1.000 17.34897 ? 10  C   A C2    1 ? 
ATOM   209 O  O2    . C   A 1 10 ? -4.52778  0.12191   6.99164   1.000 19.88236 ? 10  C   A O2    1 ? 
ATOM   210 N  N3    . C   A 1 10 ? -2.42871  -0.06124  6.09459   1.000 16.67909 ? 10  C   A N3    1 ? 
ATOM   211 C  C4    . C   A 1 10 ? -1.12458  0.04935   6.29685   1.000 16.51033 ? 10  C   A C4    1 ? 
ATOM   212 N  N4    . C   A 1 10 ? -0.33270  -0.23008  5.25542   1.000 16.48800 ? 10  C   A N4    1 ? 
ATOM   213 C  C5    . C   A 1 10 ? -0.59021  0.46509   7.56641   1.000 18.56512 ? 10  C   A C5    1 ? 
ATOM   214 C  C6    . C   A 1 10 ? -1.45902  0.71453   8.55110   1.000 17.96913 ? 10  C   A C6    1 ? 
ATOM   215 P  P     . U   A 1 11 ? -3.23998  -2.94546  12.18668  1.000 22.46111 ? 11  U   A P     1 ? 
ATOM   216 O  OP1   . U   A 1 11 ? -3.65354  -3.55454  13.48135  1.000 27.86882 ? 11  U   A OP1   1 ? 
ATOM   217 O  OP2   . U   A 1 11 ? -1.85459  -3.12157  11.70108  1.000 27.28189 ? 11  U   A OP2   1 ? 
ATOM   218 O  "O5'" . U   A 1 11 ? -4.16875  -3.55769  11.05050  1.000 20.27179 ? 11  U   A "O5'" 1 ? 
ATOM   219 C  "C5'" . U   A 1 11 ? -5.57269  -3.45635  11.14653  1.000 22.31325 ? 11  U   A "C5'" 1 ? 
ATOM   220 C  "C4'" . U   A 1 11 ? -6.23287  -3.91954  9.87840   1.000 19.89692 ? 11  U   A "C4'" 1 ? 
ATOM   221 O  "O4'" . U   A 1 11 ? -5.86414  -3.06154  8.77597   1.000 20.98326 ? 11  U   A "O4'" 1 ? 
ATOM   222 C  "C3'" . U   A 1 11 ? -5.83183  -5.29614  9.38473   1.000 19.17904 ? 11  U   A "C3'" 1 ? 
ATOM   223 O  "O3'" . U   A 1 11 ? -6.46391  -6.32653  10.11175  1.000 20.06701 ? 11  U   A "O3'" 1 ? 
ATOM   224 C  "C2'" . U   A 1 11 ? -6.25483  -5.23841  7.92614   1.000 20.78579 ? 11  U   A "C2'" 1 ? 
ATOM   225 O  "O2'" . U   A 1 11 ? -7.66190  -5.29332  7.83031   1.000 21.89661 ? 11  U   A "O2'" 1 ? 
ATOM   226 C  "C1'" . U   A 1 11 ? -5.85371  -3.81662  7.57682   1.000 17.54244 ? 11  U   A "C1'" 1 ? 
ATOM   227 N  N1    . U   A 1 11 ? -4.52056  -3.73554  6.97352   1.000 18.83102 ? 11  U   A N1    1 ? 
ATOM   228 C  C2    . U   A 1 11 ? -4.45387  -4.08635  5.63260   1.000 15.87768 ? 11  U   A C2    1 ? 
ATOM   229 O  O2    . U   A 1 11 ? -5.39466  -4.46545  4.99031   1.000 22.63204 ? 11  U   A O2    1 ? 
ATOM   230 N  N3    . U   A 1 11 ? -3.21952  -3.95233  5.11044   1.000 19.49396 ? 11  U   A N3    1 ? 
ATOM   231 C  C4    . U   A 1 11 ? -2.07637  -3.52665  5.70715   1.000 16.32325 ? 11  U   A C4    1 ? 
ATOM   232 O  O4    . U   A 1 11 ? -1.02027  -3.46839  5.08198   1.000 22.28902 ? 11  U   A O4    1 ? 
ATOM   233 C  C5    . U   A 1 11 ? -2.20457  -3.20311  7.09420   1.000 20.72591 ? 11  U   A C5    1 ? 
ATOM   234 C  C6    . U   A 1 11 ? -3.40898  -3.31603  7.65460   1.000 16.78969 ? 11  U   A C6    1 ? 
ATOM   235 P  P     . U   A 1 12 ? -5.74575  -7.75866  10.27453  1.000 20.23264 ? 12  U   A P     1 ? 
ATOM   236 O  OP1   . U   A 1 12 ? -6.54240  -8.50053  11.27826  1.000 21.48343 ? 12  U   A OP1   1 ? 
ATOM   237 O  OP2   . U   A 1 12 ? -4.28892  -7.60481  10.50605  1.000 22.38496 ? 12  U   A OP2   1 ? 
ATOM   238 O  "O5'" . U   A 1 12 ? -5.87591  -8.46273  8.86420   1.000 17.02920 ? 12  U   A "O5'" 1 ? 
ATOM   239 C  "C5'" . U   A 1 12 ? -7.13374  -8.91018  8.41367   1.000 17.51417 ? 12  U   A "C5'" 1 ? 
ATOM   240 C  "C4'" . U   A 1 12 ? -7.01472  -9.47680  7.03040   1.000 15.28255 ? 12  U   A "C4'" 1 ? 
ATOM   241 O  "O4'" . U   A 1 12 ? -6.60124  -8.44918  6.09173   1.000 18.98173 ? 12  U   A "O4'" 1 ? 
ATOM   242 C  "C3'" . U   A 1 12 ? -5.96994  -10.56045 6.83876   1.000 16.23968 ? 12  U   A "C3'" 1 ? 
ATOM   243 O  "O3'" . U   A 1 12 ? -6.40786  -11.79113 7.36539   1.000 17.72483 ? 12  U   A "O3'" 1 ? 
ATOM   244 C  "C2'" . U   A 1 12 ? -5.79981  -10.55817 5.34001   1.000 15.66160 ? 12  U   A "C2'" 1 ? 
ATOM   245 O  "O2'" . U   A 1 12 ? -6.96906  -11.13999 4.75558   1.000 18.99433 ? 12  U   A "O2'" 1 ? 
ATOM   246 C  "C1'" . U   A 1 12 ? -5.81145  -9.04555  5.08064   1.000 18.05943 ? 12  U   A "C1'" 1 ? 
ATOM   247 N  N1    . U   A 1 12 ? -4.46576  -8.41396  5.15526   1.000 18.48170 ? 12  U   A N1    1 ? 
ATOM   248 C  C2    . U   A 1 12 ? -3.65505  -8.50711  4.04169   1.000 16.65345 ? 12  U   A C2    1 ? 
ATOM   249 O  O2    . U   A 1 12 ? -3.97275  -9.14581  3.07793   1.000 19.53365 ? 12  U   A O2    1 ? 
ATOM   250 N  N3    . U   A 1 12 ? -2.44458  -7.88127  4.12212   1.000 18.44727 ? 12  U   A N3    1 ? 
ATOM   251 C  C4    . U   A 1 12 ? -1.99916  -7.16605  5.19870   1.000 15.96471 ? 12  U   A C4    1 ? 
ATOM   252 O  O4    . U   A 1 12 ? -0.89934  -6.62860  5.12285   1.000 18.74790 ? 12  U   A O4    1 ? 
ATOM   253 C  C5    . U   A 1 12 ? -2.87665  -7.08373  6.32147   1.000 17.71440 ? 12  U   A C5    1 ? 
ATOM   254 C  C6    . U   A 1 12 ? -4.06636  -7.69506  6.27888   1.000 16.54241 ? 12  U   A C6    1 ? 
ATOM   255 P  P     . C   A 1 13 ? -5.36377  -12.78418 8.06737   1.000 17.75996 ? 13  C   A P     1 ? 
ATOM   256 O  OP1   . C   A 1 13 ? -6.21500  -13.84512 8.73389   1.000 18.64732 ? 13  C   A OP1   1 ? 
ATOM   257 O  OP2   . C   A 1 13 ? -4.35006  -12.00406 8.83724   1.000 20.25194 ? 13  C   A OP2   1 ? 
ATOM   258 O  "O5'" . C   A 1 13 ? -4.52380  -13.41941 6.87817   1.000 17.47861 ? 13  C   A "O5'" 1 ? 
ATOM   259 C  "C5'" . C   A 1 13 ? -5.15108  -14.26381 5.94047   1.000 14.69698 ? 13  C   A "C5'" 1 ? 
ATOM   260 C  "C4'" . C   A 1 13 ? -4.27288  -14.49713 4.74724   1.000 16.97797 ? 13  C   A "C4'" 1 ? 
ATOM   261 O  "O4'" . C   A 1 13 ? -3.96774  -13.24324 4.09320   1.000 16.03035 ? 13  C   A "O4'" 1 ? 
ATOM   262 C  "C3'" . C   A 1 13 ? -2.89150  -15.09795 4.98347   1.000 14.63434 ? 13  C   A "C3'" 1 ? 
ATOM   263 O  "O3'" . C   A 1 13 ? -2.93822  -16.47611 5.25670   1.000 16.96352 ? 13  C   A "O3'" 1 ? 
ATOM   264 C  "C2'" . C   A 1 13 ? -2.19671  -14.77396 3.66345   1.000 14.73391 ? 13  C   A "C2'" 1 ? 
ATOM   265 O  "O2'" . C   A 1 13 ? -2.68832  -15.59992 2.61604   1.000 17.22964 ? 13  C   A "O2'" 1 ? 
ATOM   266 C  "C1'" . C   A 1 13 ? -2.69920  -13.35793 3.42912   1.000 14.73663 ? 13  C   A "C1'" 1 ? 
ATOM   267 N  N1    . C   A 1 13 ? -1.78445  -12.32424 3.97711   1.000 14.16416 ? 13  C   A N1    1 ? 
ATOM   268 C  C2    . C   A 1 13 ? -0.63628  -11.97296 3.24580   1.000 13.36985 ? 13  C   A C2    1 ? 
ATOM   269 O  O2    . C   A 1 13 ? -0.41611  -12.60626 2.20651   1.000 17.43287 ? 13  C   A O2    1 ? 
ATOM   270 N  N3    . C   A 1 13 ? 0.18682   -11.02915 3.75599   1.000 17.84991 ? 13  C   A N3    1 ? 
ATOM   271 C  C4    . C   A 1 13 ? -0.10125  -10.40452 4.90165   1.000 13.87458 ? 13  C   A C4    1 ? 
ATOM   272 N  N4    . C   A 1 13 ? 0.74726   -9.47799  5.33059   1.000 16.24341 ? 13  C   A N4    1 ? 
ATOM   273 C  C5    . C   A 1 13 ? -1.27195  -10.73770 5.67192   1.000 16.94670 ? 13  C   A C5    1 ? 
ATOM   274 C  C6    . C   A 1 13 ? -2.05799  -11.68557 5.14506   1.000 15.02021 ? 13  C   A C6    1 ? 
ATOM   275 P  P     . U   A 1 14 ? -1.85319  -17.16072 6.21118   1.000 16.82436 ? 14  U   A P     1 ? 
ATOM   276 O  OP1   . U   A 1 14 ? -2.29334  -18.56426 6.41468   1.000 18.50169 ? 14  U   A OP1   1 ? 
ATOM   277 O  OP2   . U   A 1 14 ? -1.60847  -16.30838 7.33521   1.000 17.42808 ? 14  U   A OP2   1 ? 
ATOM   278 O  "O5'" . U   A 1 14 ? -0.47323  -17.12670 5.42904   1.000 14.67253 ? 14  U   A "O5'" 1 ? 
ATOM   279 C  "C5'" . U   A 1 14 ? -0.31878  -17.99544 4.32962   1.000 15.38777 ? 14  U   A "C5'" 1 ? 
ATOM   280 C  "C4'" . U   A 1 14 ? 0.91012   -17.66914 3.53577   1.000 13.73899 ? 14  U   A "C4'" 1 ? 
ATOM   281 O  "O4'" . U   A 1 14 ? 0.90227   -16.28793 3.11805   1.000 13.19077 ? 14  U   A "O4'" 1 ? 
ATOM   282 C  "C3'" . U   A 1 14 ? 2.26623   -17.83372 4.20438   1.000 12.53470 ? 14  U   A "C3'" 1 ? 
ATOM   283 O  "O3'" . U   A 1 14 ? 2.63502   -19.18242 4.23342   1.000 13.42406 ? 14  U   A "O3'" 1 ? 
ATOM   284 C  "C2'" . U   A 1 14 ? 3.14638   -16.99689 3.29486   1.000 12.26306 ? 14  U   A "C2'" 1 ? 
ATOM   285 O  "O2'" . U   A 1 14 ? 3.26596   -17.68799 2.06149   1.000 12.73447 ? 14  U   A "O2'" 1 ? 
ATOM   286 C  "C1'" . U   A 1 14 ? 2.24197   -15.80089 3.06252   1.000 11.85568 ? 14  U   A "C1'" 1 ? 
ATOM   287 N  N1    . U   A 1 14 ? 2.39169   -14.71811 4.07350   1.000 11.59093 ? 14  U   A N1    1 ? 
ATOM   288 C  C2    . U   A 1 14 ? 3.47431   -13.86858 3.90265   1.000 10.79618 ? 14  U   A C2    1 ? 
ATOM   289 O  O2    . U   A 1 14 ? 4.34175   -14.04043 3.04689   1.000 12.85801 ? 14  U   A O2    1 ? 
ATOM   290 N  N3    . U   A 1 14 ? 3.59435   -12.83192 4.78986   1.000 12.53182 ? 14  U   A N3    1 ? 
ATOM   291 C  C4    . U   A 1 14 ? 2.68854   -12.55115 5.79239   1.000 12.77267 ? 14  U   A C4    1 ? 
ATOM   292 O  O4    . U   A 1 14 ? 2.89214   -11.55569 6.52846   1.000 14.40832 ? 14  U   A O4    1 ? 
ATOM   293 C  C5    . U   A 1 14 ? 1.57990   -13.46641 5.91158   1.000 12.27903 ? 14  U   A C5    1 ? 
ATOM   294 C  C6    . U   A 1 14 ? 1.45739   -14.47373 5.06236   1.000 12.40846 ? 14  U   A C6    1 ? 
HETATM 295 P  P     . RSP A 1 15 ? 3.64115   -19.75092 5.33750   1.000 14.88158 ? 15  RSP A P     1 ? 
HETATM 296 N  N1    . RSP A 1 15 ? 7.00522   -15.86138 4.86466   1.000 13.34424 ? 15  RSP A N1    1 ? 
HETATM 297 C  C2    . RSP A 1 15 ? 7.65943   -14.61042 5.21817   1.000 14.08307 ? 15  RSP A C2    1 ? 
HETATM 298 S  S2    . RSP A 1 15 ? 9.05098   -14.20207 4.53226   1.000 13.69341 ? 15  RSP A S2    1 ? 
HETATM 299 N  N3    . RSP A 1 15 ? 7.02787   -13.85061 6.25965   1.000 13.24270 ? 15  RSP A N3    1 ? 
HETATM 300 C  C4    . RSP A 1 15 ? 5.86143   -14.32094 6.85279   1.000 14.51320 ? 15  RSP A C4    1 ? 
HETATM 301 N  N4    . RSP A 1 15 ? 5.30448   -13.49419 7.85305   1.000 15.93456 ? 15  RSP A N4    1 ? 
HETATM 302 C  C5    . RSP A 1 15 ? 5.20219   -15.55680 6.52746   1.000 14.62113 ? 15  RSP A C5    1 ? 
HETATM 303 C  C6    . RSP A 1 15 ? 5.80852   -16.33714 5.47828   1.000 14.95091 ? 15  RSP A C6    1 ? 
HETATM 304 C  "C1'" . RSP A 1 15 ? 7.52601   -16.59956 3.70137   1.000 12.07493 ? 15  RSP A "C1'" 1 ? 
HETATM 305 C  "C2'" . RSP A 1 15 ? 8.70418   -17.50637 3.99602   1.000 14.63341 ? 15  RSP A "C2'" 1 ? 
HETATM 306 O  "O2'" . RSP A 1 15 ? 9.45153   -17.66343 2.78698   1.000 15.64937 ? 15  RSP A "O2'" 1 ? 
HETATM 307 C  "C3'" . RSP A 1 15 ? 7.96987   -18.78339 4.32711   1.000 12.83694 ? 15  RSP A "C3'" 1 ? 
HETATM 308 O  "O3'" . RSP A 1 15 ? 8.78421   -19.92373 4.24481   1.000 15.10703 ? 15  RSP A "O3'" 1 ? 
HETATM 309 C  "C4'" . RSP A 1 15 ? 6.86039   -18.80806 3.29410   1.000 14.54611 ? 15  RSP A "C4'" 1 ? 
HETATM 310 O  "O4'" . RSP A 1 15 ? 6.46452   -17.42535 3.20380   1.000 14.13993 ? 15  RSP A "O4'" 1 ? 
HETATM 311 C  "C5'" . RSP A 1 15 ? 5.67136   -19.66902 3.63189   1.000 14.27049 ? 15  RSP A "C5'" 1 ? 
HETATM 312 O  "O5'" . RSP A 1 15 ? 5.08966   -19.25648 4.86770   1.000 14.11870 ? 15  RSP A "O5'" 1 ? 
HETATM 313 O  OP1   . RSP A 1 15 ? 3.54830   -21.23738 5.25949   1.000 18.92927 ? 15  RSP A OP1   1 ? 
HETATM 314 O  OP2   . RSP A 1 15 ? 3.41937   -19.10442 6.66619   1.000 17.62831 ? 15  RSP A OP2   1 ? 
ATOM   315 P  P     . U   A 1 16 ? 9.47240   -20.55741 5.53971   1.000 17.66349 ? 16  U   A P     1 ? 
ATOM   316 O  OP1   . U   A 1 16 ? 10.23796  -21.72523 5.02367   1.000 18.38335 ? 16  U   A OP1   1 ? 
ATOM   317 O  OP2   . U   A 1 16 ? 8.50043   -20.73161 6.61477   1.000 20.40600 ? 16  U   A OP2   1 ? 
ATOM   318 O  "O5'" . U   A 1 16 ? 10.50546  -19.44378 6.03522   1.000 14.51267 ? 16  U   A "O5'" 1 ? 
ATOM   319 C  "C5'" . U   A 1 16 ? 11.68929  -19.16437 5.29884   1.000 14.06502 ? 16  U   A "C5'" 1 ? 
ATOM   320 C  "C4'" . U   A 1 16 ? 12.39646  -17.96706 5.85801   1.000 13.62776 ? 16  U   A "C4'" 1 ? 
ATOM   321 O  "O4'" . U   A 1 16 ? 11.51939  -16.82631 5.74213   1.000 12.83212 ? 16  U   A "O4'" 1 ? 
ATOM   322 C  "C3'" . U   A 1 16 ? 12.74212  -17.99605 7.33658   1.000 12.43775 ? 16  U   A "C3'" 1 ? 
ATOM   323 O  "O3'" . U   A 1 16 ? 13.90816  -18.74752 7.61775   1.000 16.27136 ? 16  U   A "O3'" 1 ? 
ATOM   324 C  "C2'" . U   A 1 16 ? 12.88680  -16.52952 7.65700   1.000 13.41778 ? 16  U   A "C2'" 1 ? 
ATOM   325 O  "O2'" . U   A 1 16 ? 14.10940  -16.03563 7.14123   1.000 15.56885 ? 16  U   A "O2'" 1 ? 
ATOM   326 C  "C1'" . U   A 1 16 ? 11.77645  -15.93508 6.81205   1.000 12.13856 ? 16  U   A "C1'" 1 ? 
ATOM   327 N  N1    . U   A 1 16 ? 10.51848  -15.75762 7.58199   1.000 13.20900 ? 16  U   A N1    1 ? 
ATOM   328 C  C2    . U   A 1 16 ? 10.40874  -14.58055 8.31015   1.000 12.61148 ? 16  U   A C2    1 ? 
ATOM   329 O  O2    . U   A 1 16 ? 11.29815  -13.74699 8.29236   1.000 13.76002 ? 16  U   A O2    1 ? 
ATOM   330 N  N3    . U   A 1 16 ? 9.22196   -14.45131 8.98631   1.000 13.12882 ? 16  U   A N3    1 ? 
ATOM   331 C  C4    . U   A 1 16 ? 8.20769   -15.34729 9.04312   1.000 13.38694 ? 16  U   A C4    1 ? 
ATOM   332 O  O4    . U   A 1 16 ? 7.21688   -15.04648 9.75139   1.000 15.34734 ? 16  U   A O4    1 ? 
ATOM   333 C  C5    . U   A 1 16 ? 8.37959   -16.56343 8.28415   1.000 15.11342 ? 16  U   A C5    1 ? 
ATOM   334 C  C6    . U   A 1 16 ? 9.53539   -16.70742 7.59539   1.000 12.87095 ? 16  U   A C6    1 ? 
HETATM 335 MG MG    . MG  B 2 .  ? 0.75768   4.58065   -3.88932  1.000 23.56302 ? 101 MG  A MG    1 ? 
HETATM 336 MG MG    . MG  C 2 .  ? -3.84597  9.27000   -6.91110  1.000 24.77820 ? 102 MG  A MG    1 ? 
HETATM 337 MG MG    . MG  D 2 .  ? -8.14692  -8.67808  13.23777  1.000 52.91003 ? 103 MG  A MG    1 ? 
HETATM 338 O  O     . HOH E 3 .  ? -2.27636  -20.14512 7.80752   1.000 37.27755 ? 201 HOH A O     1 ? 
HETATM 339 O  O     . HOH E 3 .  ? -3.45252  -17.67873 2.95829   0.330 16.60944 ? 202 HOH A O     1 ? 
HETATM 340 O  O     . HOH E 3 .  ? 2.74776   1.36003   8.99606   1.000 28.67041 ? 203 HOH A O     1 ? 
HETATM 341 O  O     . HOH E 3 .  ? -10.90089 6.16438   -7.42592  1.000 30.25100 ? 204 HOH A O     1 ? 
HETATM 342 O  O     . HOH E 3 .  ? 1.42001   6.27921   -5.07071  1.000 26.87866 ? 205 HOH A O     1 ? 
HETATM 343 O  O     . HOH E 3 .  ? 2.97818   -22.44062 3.12018   1.000 39.19872 ? 206 HOH A O     1 ? 
HETATM 344 O  O     . HOH E 3 .  ? 2.80709   -17.21025 8.24214   1.000 36.88609 ? 207 HOH A O     1 ? 
HETATM 345 O  O     . HOH E 3 .  ? 1.24455   -3.06539  6.16557   1.000 35.04266 ? 208 HOH A O     1 ? 
HETATM 346 O  O     . HOH E 3 .  ? -0.41443  5.45783   -2.32762  1.000 28.41946 ? 209 HOH A O     1 ? 
HETATM 347 O  O     . HOH E 3 .  ? -0.74696  1.25722   -12.11148 1.000 29.04334 ? 210 HOH A O     1 ? 
HETATM 348 O  O     . HOH E 3 .  ? -7.48129  8.72178   -8.38757  1.000 32.18977 ? 211 HOH A O     1 ? 
HETATM 349 O  O     . HOH E 3 .  ? 11.11008  8.50508   -1.70230  0.330 23.07830 ? 212 HOH A O     1 ? 
HETATM 350 O  O     . HOH E 3 .  ? 1.74471   -11.04624 8.84111   1.000 24.52442 ? 213 HOH A O     1 ? 
HETATM 351 O  O     . HOH E 3 .  ? -14.00842 9.84904   -11.42346 1.000 37.37659 ? 214 HOH A O     1 ? 
HETATM 352 O  O     . HOH E 3 .  ? 3.02308   8.44193   -16.37916 1.000 28.17317 ? 215 HOH A O     1 ? 
HETATM 353 O  O     . HOH E 3 .  ? -7.17357  0.30262   8.52667   1.000 35.49200 ? 216 HOH A O     1 ? 
HETATM 354 O  O     . HOH E 3 .  ? -2.56302  10.85332  -6.88731  1.000 24.41814 ? 217 HOH A O     1 ? 
HETATM 355 O  O     . HOH E 3 .  ? -2.60098  2.13999   -15.44879 1.000 37.13518 ? 218 HOH A O     1 ? 
HETATM 356 O  O     . HOH E 3 .  ? 0.57191   -16.23375 8.85045   1.000 28.46436 ? 219 HOH A O     1 ? 
HETATM 357 O  O     . HOH E 3 .  ? 5.14237   -16.57620 10.39430  1.000 26.02835 ? 220 HOH A O     1 ? 
HETATM 358 O  O     . HOH E 3 .  ? -0.65286  4.99885   -9.41503  1.000 25.60167 ? 221 HOH A O     1 ? 
HETATM 359 O  O     . HOH E 3 .  ? -6.83827  -12.94468 2.77968   1.000 21.48059 ? 222 HOH A O     1 ? 
HETATM 360 O  O     . HOH E 3 .  ? -9.57364  -5.72261  9.67147   1.000 23.62047 ? 223 HOH A O     1 ? 
HETATM 361 O  O     . HOH E 3 .  ? -2.81269  -9.80156  9.24636   1.000 23.94110 ? 224 HOH A O     1 ? 
HETATM 362 O  O     . HOH E 3 .  ? 1.28296   -6.36646  6.72427   1.000 35.65807 ? 225 HOH A O     1 ? 
HETATM 363 O  O     . HOH E 3 .  ? 9.65007   -24.04856 3.71545   1.000 38.35376 ? 226 HOH A O     1 ? 
HETATM 364 O  O     . HOH E 3 .  ? -2.19779  -5.96639  9.84265   1.000 28.78115 ? 227 HOH A O     1 ? 
HETATM 365 O  O     . HOH E 3 .  ? 1.88588   1.71565   2.57410   1.000 26.89213 ? 228 HOH A O     1 ? 
HETATM 366 O  O     . HOH E 3 .  ? -7.62258  12.28281  -7.78257  1.000 28.22292 ? 229 HOH A O     1 ? 
HETATM 367 O  O     . HOH E 3 .  ? -5.26949  10.58039  -8.02298  1.000 24.21141 ? 230 HOH A O     1 ? 
HETATM 368 O  O     . HOH E 3 .  ? -5.42850  15.14626  -8.45983  1.000 24.54981 ? 231 HOH A O     1 ? 
HETATM 369 O  O     . HOH E 3 .  ? 8.52488   2.51416   -4.23436  1.000 26.47250 ? 232 HOH A O     1 ? 
HETATM 370 O  O     . HOH E 3 .  ? 14.49621  -21.31850 6.79691   1.000 15.95653 ? 233 HOH A O     1 ? 
HETATM 371 O  O     . HOH E 3 .  ? 4.02990   4.15657   1.95994   1.000 29.31253 ? 234 HOH A O     1 ? 
HETATM 372 O  O     . HOH E 3 .  ? -1.53868  -13.68126 8.21802   1.000 22.45335 ? 235 HOH A O     1 ? 
HETATM 373 O  O     . HOH E 3 .  ? -0.72082  9.36498   7.52247   1.000 34.28888 ? 236 HOH A O     1 ? 
HETATM 374 O  O     . HOH E 3 .  ? 8.38403   -17.24544 0.25873   1.000 27.42908 ? 237 HOH A O     1 ? 
HETATM 375 O  O     . HOH E 3 .  ? -0.39343  6.88585   -7.39531  1.000 20.67578 ? 238 HOH A O     1 ? 
HETATM 376 O  O     . HOH E 3 .  ? -7.19353  10.23801  -16.23063 1.000 19.93256 ? 239 HOH A O     1 ? 
HETATM 377 O  O     . HOH E 3 .  ? 14.01913  -13.09164 8.41684   1.000 27.30214 ? 240 HOH A O     1 ? 
HETATM 378 O  O     . HOH E 3 .  ? 14.60235  -18.47145 10.32004  1.000 25.68510 ? 241 HOH A O     1 ? 
HETATM 379 O  O     . HOH E 3 .  ? -4.54596  6.57463   -9.72374  1.000 23.23632 ? 242 HOH A O     1 ? 
HETATM 380 O  O     . HOH E 3 .  ? -2.81001  -20.17293 4.16131   0.330 20.93438 ? 243 HOH A O     1 ? 
HETATM 381 O  O     . HOH E 3 .  ? -4.39276  1.42247   -13.34778 1.000 32.39449 ? 244 HOH A O     1 ? 
HETATM 382 O  O     . HOH E 3 .  ? -3.00896  4.93716   -16.81243 1.000 30.81281 ? 245 HOH A O     1 ? 
HETATM 383 O  O     . HOH E 3 .  ? -6.79594  -7.30323  13.83563  1.000 33.75051 ? 246 HOH A O     1 ? 
HETATM 384 O  O     . HOH E 3 .  ? 5.64202   -18.84272 8.42425   1.000 37.12362 ? 247 HOH A O     1 ? 
HETATM 385 O  O     . HOH E 3 .  ? -11.62448 12.81165  -13.75019 1.000 30.01836 ? 248 HOH A O     1 ? 
HETATM 386 O  O     . HOH E 3 .  ? 3.00826   -14.68565 9.08586   1.000 22.61077 ? 249 HOH A O     1 ? 
HETATM 387 O  O     . HOH E 3 .  ? -3.40165  -16.68650 9.53885   1.000 20.25111 ? 250 HOH A O     1 ? 
HETATM 388 O  O     . HOH E 3 .  ? 2.38684   4.82010   -2.67554  1.000 23.42821 ? 251 HOH A O     1 ? 
HETATM 389 O  O     . HOH E 3 .  ? -5.87113  -14.18838 11.57569  1.000 30.96320 ? 252 HOH A O     1 ? 
HETATM 390 O  O     . HOH E 3 .  ? 11.91240  6.31277   -0.20023  0.330 23.95013 ? 253 HOH A O     1 ? 
HETATM 391 O  O     . HOH E 3 .  ? 4.36819   2.90386   5.53644   1.000 23.92423 ? 254 HOH A O     1 ? 
HETATM 392 O  O     . HOH E 3 .  ? -3.00208  8.42502   -8.59038  1.000 24.84487 ? 255 HOH A O     1 ? 
HETATM 393 O  O     . HOH E 3 .  ? 2.70565   4.77643   -7.56356  1.000 28.37497 ? 256 HOH A O     1 ? 
HETATM 394 O  O     . HOH E 3 .  ? -6.12681  -0.29384  13.46911  1.000 35.04900 ? 257 HOH A O     1 ? 
HETATM 395 O  O     . HOH E 3 .  ? 0.44830   8.92626   10.17927  1.000 34.25168 ? 258 HOH A O     1 ? 
HETATM 396 O  O     . HOH E 3 .  ? -0.05642  -8.66227  8.07380   1.000 31.09919 ? 259 HOH A O     1 ? 
HETATM 397 O  O     . HOH E 3 .  ? 5.01664   4.29391   -4.11959  1.000 32.19610 ? 260 HOH A O     1 ? 
HETATM 398 O  O     . HOH E 3 .  ? -5.37563  -11.35394 11.60925  1.000 32.46254 ? 261 HOH A O     1 ? 
HETATM 399 O  O     . HOH E 3 .  ? -4.12261  13.29102  -6.66826  1.000 26.89734 ? 262 HOH A O     1 ? 
HETATM 400 O  O     . HOH E 3 .  ? 9.57559   11.57103  -4.39025  0.330 22.11814 ? 263 HOH A O     1 ? 
HETATM 401 O  O     . HOH E 3 .  ? 2.75018   0.05945   5.78455   1.000 29.20953 ? 264 HOH A O     1 ? 
HETATM 402 O  O     . HOH E 3 .  ? 0.96324   3.39615   0.18938   1.000 30.78166 ? 265 HOH A O     1 ? 
HETATM 403 O  O     . HOH E 3 .  ? 1.99964   -1.71189  9.40336   1.000 36.11941 ? 266 HOH A O     1 ? 
HETATM 404 O  O     . HOH E 3 .  ? -4.80603  -14.49567 0.25052   0.330 25.58253 ? 267 HOH A O     1 ? 
HETATM 405 O  O     . HOH E 3 .  ? -8.97881  -5.97212  12.40212  1.000 37.45576 ? 268 HOH A O     1 ? 
HETATM 406 O  O     . HOH E 3 .  ? -2.19755  8.12473   -5.92397  1.000 31.52803 ? 269 HOH A O     1 ? 
HETATM 407 O  O     . HOH E 3 .  ? 4.57134   3.47294   -0.49388  1.000 30.39018 ? 270 HOH A O     1 ? 
HETATM 408 O  O     . HOH E 3 .  ? -13.75158 9.62305   -13.54831 1.000 29.14620 ? 271 HOH A O     1 ? 
HETATM 409 O  O     . HOH E 3 .  ? 5.41579   0.53632   -8.92872  1.000 48.02273 ? 272 HOH A O     1 ? 
HETATM 410 O  O     . HOH E 3 .  ? 1.78492   3.54745   -5.29192  1.000 32.28038 ? 273 HOH A O     1 ? 
HETATM 411 O  O     . HOH E 3 .  ? -1.23577  2.93213   -7.44142  1.000 33.77609 ? 274 HOH A O     1 ? 
HETATM 412 O  O     . HOH E 3 .  ? 0.18200   3.05385   -2.58685  1.000 34.53632 ? 275 HOH A O     1 ? 
HETATM 413 O  O     . HOH E 3 .  ? -1.12965  4.51897   -5.08797  1.000 34.49521 ? 276 HOH A O     1 ? 
HETATM 414 O  O     . HOH E 3 .  ? -5.01309  10.05858  -5.18981  1.000 34.88716 ? 277 HOH A O     1 ? 
# 
